data_1T9Y
#
_entry.id   1T9Y
#
_cell.length_a   144.922
_cell.length_b   144.922
_cell.length_c   516.675
_cell.angle_alpha   90.00
_cell.angle_beta   90.00
_cell.angle_gamma   120.00
#
_symmetry.space_group_name_H-M   'H 3 2'
#
loop_
_entity.id
_entity.type
_entity.pdbx_description
1 polymer 'Acriflavine resistance protein B'
2 non-polymer N2-(L-PHENYLALANYL)-N1-(NAPHTHALENYL)-L-ARIGNINAMIDE
#
_entity_poly.entity_id   1
_entity_poly.type   'polypeptide(L)'
_entity_poly.pdbx_seq_one_letter_code
;MPNFFIDRPIFAWVIAIIIMLAGGLAILKLPVAQYPTIAPPAVTISASYPGADAKTVQDTVTQVIEQNMNGIDNLMYMSS
NSDSTGTVQITLTFESGTDADIAQVQVQAKLQLAMPLLPQEVQQQGVSVEKSSSSFLMVVGVINTDGTMTQEDISDYVAA
NMKDAISRTSGVGDVQLFGSQYAMRIWMNPNELNKFQLTPVDVITAIKAQNAQVAAGQLGGTPPVKGQQLNASIIAQTRL
TSTEEFGKILLKVNQDGSRVLLRDVAKIELGGENYDIIAEFNGQPASGLGIKLATGANALDTAAAIRAELAKMEPFFPSG
LKIVYPYDTTPFVKISIHEVVKTLVEAIILVFLVMYLFLQNFRATLIPTIAVPVVLLGTFAVLAAFGFSINTLTMFGMVL
AIGLLVDDAIVVVENVERVMAEEGLPPKEATRKSMGQIQGALVGIAMVLSAVFVPMAFFGGSTGAIYRQFSITIVSAMAL
SVLVALILTPALCATMLKPIAKGDHGEGKKGFFGWFNRMFEKSTHHYTDSVGGILRSTGRYLVLYLIIVVGMAYLFVRLP
SSFLPDEDQGVFMTMVQLPAGATQERTQKVLNEVTHYYLTKEKNNVESVFAVNGFGFAGRGQNTGIAFVSLKDWADRPGE
ENKVEAITMRATRAFSQIKDAMVFAFNLPAIVELGTATGFDFELIDQAGLGHEKLTQARNQLLAEAAKHPDMLTSVRPNG
LEDTPQFKIDIDQEKAQALGVSINDINTTLGAAWGGSYVNDFIDRGRVKKVYVMSEAKYRMLPDDIGDWYVRAADGQMVP
FSAFSSSRWEYGSPRLERYNGLPSMEILGQAAPGKSTGEAMELMEQLASKLPTGVGYDWTGMSYQERLSGNQAPSLYAIS
LIVVFLCLAALYESWSIPFSVMLVVPLGVIGALLAATFRGLTNDVYFQVGLLTTIGLSAKNAILIVEFAKDLMDKEGKGL
IEATLDAVRMRLRPILMTSLAFILGVMPLVISTGAGSGAQNAVGTGVMGGMVTATVLAIFFVPVFFVVVRRRFSRKNEDI
EHSHTVDHH
;
_entity_poly.pdbx_strand_id   A
#
# COMPACT_ATOMS: atom_id res chain seq x y z
N ASP A 7 -10.12 46.86 -0.76
CA ASP A 7 -10.08 48.27 -1.25
C ASP A 7 -11.21 48.53 -2.24
N ARG A 8 -11.23 47.78 -3.33
CA ARG A 8 -12.28 47.88 -4.34
C ARG A 8 -13.02 46.55 -4.46
N PRO A 9 -14.33 46.59 -4.77
CA PRO A 9 -15.14 45.37 -4.85
C PRO A 9 -14.80 44.49 -6.07
N ILE A 10 -15.24 44.88 -7.27
CA ILE A 10 -14.99 44.13 -8.51
C ILE A 10 -13.64 43.42 -8.63
N PHE A 11 -12.53 44.16 -8.62
CA PHE A 11 -11.20 43.60 -8.94
C PHE A 11 -10.80 42.44 -8.02
N ALA A 12 -11.14 42.54 -6.74
CA ALA A 12 -10.83 41.49 -5.77
C ALA A 12 -11.70 40.25 -5.97
N TRP A 13 -12.97 40.47 -6.30
CA TRP A 13 -13.91 39.38 -6.57
C TRP A 13 -13.60 38.63 -7.87
N VAL A 14 -12.92 39.29 -8.81
CA VAL A 14 -12.57 38.68 -10.10
C VAL A 14 -11.35 37.79 -9.94
N ILE A 15 -10.48 38.12 -8.99
CA ILE A 15 -9.35 37.26 -8.61
C ILE A 15 -9.87 35.96 -7.98
N ALA A 16 -10.95 36.07 -7.21
CA ALA A 16 -11.58 34.92 -6.57
C ALA A 16 -12.37 34.05 -7.55
N ILE A 17 -12.83 34.66 -8.65
CA ILE A 17 -13.59 33.95 -9.68
C ILE A 17 -12.66 33.18 -10.62
N ILE A 18 -11.40 33.59 -10.68
CA ILE A 18 -10.36 32.81 -11.36
C ILE A 18 -10.14 31.50 -10.60
N ILE A 19 -10.23 31.56 -9.27
CA ILE A 19 -10.08 30.39 -8.41
C ILE A 19 -11.34 29.51 -8.42
N MET A 20 -12.48 30.09 -8.78
CA MET A 20 -13.73 29.33 -8.90
C MET A 20 -13.68 28.38 -10.09
N LEU A 21 -13.08 28.82 -11.19
CA LEU A 21 -12.95 28.00 -12.40
C LEU A 21 -11.75 27.07 -12.32
N ALA A 22 -10.55 27.64 -12.33
CA ALA A 22 -9.29 26.87 -12.31
C ALA A 22 -9.19 25.90 -11.13
N GLY A 23 -9.78 26.27 -10.00
CA GLY A 23 -9.82 25.40 -8.83
C GLY A 23 -10.75 24.22 -9.00
N GLY A 24 -11.96 24.50 -9.47
CA GLY A 24 -12.94 23.45 -9.77
C GLY A 24 -12.68 22.74 -11.09
N LEU A 25 -11.66 23.17 -11.83
CA LEU A 25 -11.25 22.54 -13.08
C LEU A 25 -10.19 21.47 -12.78
N ALA A 26 -9.42 21.69 -11.70
CA ALA A 26 -8.42 20.73 -11.25
C ALA A 26 -9.07 19.46 -10.69
N ILE A 27 -10.26 19.58 -10.11
CA ILE A 27 -10.99 18.42 -9.62
C ILE A 27 -11.57 17.58 -10.77
N LEU A 28 -11.83 18.25 -11.90
CA LEU A 28 -12.33 17.59 -13.11
C LEU A 28 -11.18 17.07 -14.01
N LYS A 29 -9.95 17.45 -13.70
CA LYS A 29 -8.79 17.11 -14.54
C LYS A 29 -7.54 16.80 -13.70
N LEU A 30 -7.68 15.87 -12.75
CA LEU A 30 -6.55 15.35 -11.98
C LEU A 30 -6.96 14.12 -11.16
N PRO A 31 -6.04 13.18 -10.97
CA PRO A 31 -6.33 11.91 -10.29
C PRO A 31 -7.15 12.03 -9.00
N VAL A 32 -7.99 11.04 -8.74
CA VAL A 32 -8.92 11.06 -7.59
C VAL A 32 -8.74 9.83 -6.70
N ALA A 33 -7.57 9.20 -6.78
CA ALA A 33 -7.35 7.85 -6.25
C ALA A 33 -7.02 7.82 -4.75
N GLN A 34 -6.58 6.65 -4.28
CA GLN A 34 -6.08 6.47 -2.91
C GLN A 34 -4.78 7.23 -2.68
N TYR A 35 -4.13 6.98 -1.53
CA TYR A 35 -2.78 7.50 -1.25
C TYR A 35 -1.84 7.41 -2.46
N PRO A 36 -0.87 8.31 -2.52
CA PRO A 36 0.03 8.40 -3.69
C PRO A 36 1.11 7.31 -3.67
N THR A 37 2.16 7.47 -4.48
CA THR A 37 3.30 6.55 -4.46
C THR A 37 4.05 6.70 -3.13
N ILE A 38 4.25 5.59 -2.42
CA ILE A 38 4.86 5.61 -1.09
C ILE A 38 6.20 4.88 -1.07
N ALA A 39 6.15 3.58 -1.38
CA ALA A 39 7.32 2.71 -1.24
C ALA A 39 8.36 2.98 -2.34
N PRO A 40 9.62 2.64 -2.08
CA PRO A 40 10.65 2.67 -3.14
C PRO A 40 10.27 1.72 -4.28
N PRO A 41 10.21 2.21 -5.52
CA PRO A 41 9.67 1.40 -6.62
C PRO A 41 10.62 0.27 -7.04
N ALA A 42 10.09 -0.96 -7.10
CA ALA A 42 10.90 -2.14 -7.38
C ALA A 42 10.44 -2.86 -8.65
N VAL A 43 11.42 -3.45 -9.35
CA VAL A 43 11.16 -4.31 -10.51
C VAL A 43 11.25 -5.76 -10.04
N THR A 44 10.50 -6.65 -10.69
CA THR A 44 10.43 -8.05 -10.30
C THR A 44 10.59 -8.99 -11.51
N ILE A 45 11.65 -9.78 -11.49
CA ILE A 45 11.91 -10.79 -12.52
C ILE A 45 11.13 -12.05 -12.16
N SER A 46 10.83 -12.89 -13.15
CA SER A 46 10.09 -14.13 -12.91
C SER A 46 10.23 -15.13 -14.06
N ALA A 47 11.14 -16.10 -13.89
CA ALA A 47 11.31 -17.20 -14.84
C ALA A 47 10.55 -18.43 -14.36
N SER A 48 10.56 -19.49 -15.18
CA SER A 48 9.86 -20.73 -14.85
C SER A 48 10.48 -21.96 -15.53
N TYR A 49 10.96 -22.90 -14.71
CA TYR A 49 11.48 -24.17 -15.18
C TYR A 49 10.55 -25.29 -14.69
N PRO A 50 9.64 -25.75 -15.56
CA PRO A 50 8.64 -26.75 -15.16
C PRO A 50 9.25 -28.14 -14.92
N GLY A 51 8.98 -28.71 -13.75
CA GLY A 51 9.51 -30.01 -13.37
C GLY A 51 10.73 -29.93 -12.46
N ALA A 52 11.51 -28.87 -12.61
CA ALA A 52 12.72 -28.68 -11.81
C ALA A 52 12.41 -28.46 -10.33
N ASP A 53 13.23 -29.04 -9.46
CA ASP A 53 13.08 -28.89 -8.01
C ASP A 53 13.78 -27.63 -7.50
N ALA A 54 13.83 -27.44 -6.19
CA ALA A 54 14.38 -26.21 -5.60
C ALA A 54 15.86 -26.02 -5.87
N LYS A 55 16.65 -27.08 -5.69
CA LYS A 55 18.10 -27.02 -5.94
C LYS A 55 18.44 -26.84 -7.42
N THR A 56 17.61 -27.39 -8.30
CA THR A 56 17.85 -27.33 -9.74
C THR A 56 17.74 -25.90 -10.27
N VAL A 57 16.66 -25.21 -9.88
CA VAL A 57 16.44 -23.82 -10.32
C VAL A 57 17.31 -22.81 -9.59
N GLN A 58 17.91 -23.21 -8.46
CA GLN A 58 18.71 -22.31 -7.64
C GLN A 58 20.06 -21.93 -8.27
N ASP A 59 20.58 -22.78 -9.15
CA ASP A 59 21.88 -22.53 -9.79
C ASP A 59 21.87 -22.58 -11.33
N THR A 60 20.77 -23.01 -11.92
CA THR A 60 20.65 -23.06 -13.38
C THR A 60 19.95 -21.82 -13.95
N VAL A 61 19.04 -21.24 -13.18
CA VAL A 61 18.35 -20.00 -13.56
C VAL A 61 18.68 -18.84 -12.62
N THR A 62 18.57 -19.07 -11.32
CA THR A 62 18.71 -18.02 -10.30
C THR A 62 20.10 -17.40 -10.30
N GLN A 63 21.11 -18.23 -10.03
CA GLN A 63 22.49 -17.75 -9.90
C GLN A 63 23.02 -17.13 -11.19
N VAL A 64 22.59 -17.64 -12.34
CA VAL A 64 23.04 -17.15 -13.64
C VAL A 64 22.68 -15.66 -13.81
N ILE A 65 21.45 -15.30 -13.45
CA ILE A 65 20.98 -13.92 -13.55
C ILE A 65 21.64 -13.01 -12.50
N GLU A 66 21.91 -13.55 -11.31
CA GLU A 66 22.40 -12.74 -10.19
C GLU A 66 23.84 -12.23 -10.37
N GLN A 67 24.67 -12.97 -11.09
CA GLN A 67 26.03 -12.51 -11.41
C GLN A 67 25.96 -11.47 -12.52
N ASN A 68 24.98 -11.61 -13.41
CA ASN A 68 24.76 -10.66 -14.50
C ASN A 68 23.80 -9.53 -14.13
N MET A 69 23.41 -9.44 -12.86
CA MET A 69 22.57 -8.35 -12.36
C MET A 69 23.48 -7.30 -11.71
N ASN A 70 24.30 -6.66 -12.54
CA ASN A 70 25.24 -5.64 -12.07
C ASN A 70 25.49 -4.54 -13.11
N GLY A 71 25.98 -3.40 -12.63
CA GLY A 71 26.21 -2.24 -13.47
C GLY A 71 24.91 -1.53 -13.82
N ILE A 72 24.06 -1.35 -12.81
CA ILE A 72 22.76 -0.70 -12.97
C ILE A 72 22.71 0.59 -12.15
N ASP A 73 22.08 1.62 -12.71
CA ASP A 73 21.93 2.90 -12.02
C ASP A 73 20.98 2.72 -10.83
N ASN A 74 21.34 3.33 -9.70
CA ASN A 74 20.61 3.16 -8.43
C ASN A 74 20.63 1.70 -7.97
N LEU A 75 19.88 1.39 -6.91
CA LEU A 75 19.69 0.03 -6.37
C LEU A 75 20.21 -0.07 -4.94
N MET A 76 19.35 -0.54 -4.04
CA MET A 76 19.69 -0.74 -2.64
C MET A 76 20.11 -2.18 -2.40
N TYR A 77 19.25 -3.12 -2.81
CA TYR A 77 19.49 -4.54 -2.57
C TYR A 77 18.75 -5.45 -3.57
N MET A 78 19.05 -6.74 -3.49
CA MET A 78 18.39 -7.76 -4.30
C MET A 78 18.03 -8.97 -3.42
N SER A 79 16.86 -9.56 -3.69
CA SER A 79 16.42 -10.78 -3.00
C SER A 79 15.89 -11.80 -4.01
N SER A 80 15.63 -13.03 -3.56
CA SER A 80 15.15 -14.08 -4.44
C SER A 80 14.45 -15.23 -3.72
N ASN A 81 13.60 -15.95 -4.46
CA ASN A 81 12.88 -17.11 -3.95
C ASN A 81 12.80 -18.21 -5.01
N SER A 82 13.48 -19.33 -4.76
CA SER A 82 13.51 -20.45 -5.72
C SER A 82 12.71 -21.64 -5.17
N ASP A 83 11.51 -21.83 -5.69
CA ASP A 83 10.58 -22.83 -5.17
C ASP A 83 10.84 -24.23 -5.73
N SER A 84 10.23 -25.23 -5.09
CA SER A 84 10.34 -26.61 -5.52
C SER A 84 9.42 -26.92 -6.70
N THR A 85 8.39 -26.09 -6.88
CA THR A 85 7.48 -26.22 -8.02
C THR A 85 8.18 -25.88 -9.33
N GLY A 86 9.21 -25.03 -9.25
CA GLY A 86 9.99 -24.63 -10.41
C GLY A 86 9.62 -23.23 -10.87
N THR A 87 9.81 -22.26 -9.98
CA THR A 87 9.47 -20.86 -10.26
C THR A 87 10.34 -19.92 -9.43
N VAL A 88 11.33 -19.30 -10.09
CA VAL A 88 12.19 -18.30 -9.45
C VAL A 88 11.64 -16.89 -9.66
N GLN A 89 11.91 -16.00 -8.72
CA GLN A 89 11.48 -14.60 -8.81
C GLN A 89 12.42 -13.67 -8.03
N ILE A 90 13.07 -12.75 -8.74
CA ILE A 90 14.02 -11.82 -8.14
C ILE A 90 13.30 -10.49 -7.87
N THR A 91 13.88 -9.64 -7.02
CA THR A 91 13.30 -8.33 -6.72
C THR A 91 14.38 -7.29 -6.44
N LEU A 92 14.66 -6.43 -7.44
CA LEU A 92 15.62 -5.34 -7.30
C LEU A 92 14.92 -4.05 -6.84
N THR A 93 14.97 -3.79 -5.53
CA THR A 93 14.33 -2.61 -4.95
C THR A 93 15.24 -1.39 -5.06
N PHE A 94 14.80 -0.36 -5.79
CA PHE A 94 15.60 0.84 -6.03
C PHE A 94 15.33 1.92 -4.99
N GLU A 95 15.94 3.09 -5.17
CA GLU A 95 15.79 4.22 -4.23
C GLU A 95 14.39 4.83 -4.33
N SER A 96 14.01 5.59 -3.31
CA SER A 96 12.72 6.27 -3.27
C SER A 96 12.72 7.47 -4.23
N GLY A 97 11.64 7.61 -5.00
CA GLY A 97 11.52 8.68 -5.98
C GLY A 97 12.23 8.39 -7.29
N THR A 98 12.66 7.14 -7.49
CA THR A 98 13.32 6.73 -8.72
C THR A 98 12.27 6.47 -9.79
N ASP A 99 12.67 6.65 -11.05
CA ASP A 99 11.77 6.40 -12.19
C ASP A 99 11.60 4.89 -12.38
N ALA A 100 10.36 4.42 -12.29
CA ALA A 100 10.06 3.01 -12.50
C ALA A 100 10.13 2.61 -13.97
N ASP A 101 10.00 3.60 -14.86
CA ASP A 101 10.10 3.36 -16.30
C ASP A 101 11.50 2.92 -16.71
N ILE A 102 12.49 3.74 -16.36
CA ILE A 102 13.89 3.47 -16.71
C ILE A 102 14.49 2.32 -15.91
N ALA A 103 13.97 2.09 -14.71
CA ALA A 103 14.44 1.00 -13.85
C ALA A 103 14.08 -0.38 -14.41
N GLN A 104 12.95 -0.45 -15.10
CA GLN A 104 12.51 -1.69 -15.74
C GLN A 104 13.36 -2.04 -16.97
N VAL A 105 13.87 -1.01 -17.66
CA VAL A 105 14.64 -1.19 -18.88
C VAL A 105 16.01 -1.83 -18.59
N GLN A 106 16.70 -1.33 -17.57
CA GLN A 106 18.06 -1.77 -17.26
C GLN A 106 18.10 -3.18 -16.66
N VAL A 107 17.05 -3.56 -15.94
CA VAL A 107 16.95 -4.90 -15.35
C VAL A 107 16.68 -5.96 -16.42
N GLN A 108 15.88 -5.62 -17.43
CA GLN A 108 15.59 -6.54 -18.53
C GLN A 108 16.57 -6.43 -19.71
N ALA A 109 17.58 -5.56 -19.55
CA ALA A 109 18.66 -5.42 -20.52
C ALA A 109 19.99 -5.82 -19.89
N LYS A 110 19.96 -6.95 -19.18
CA LYS A 110 21.09 -7.44 -18.38
C LYS A 110 20.83 -8.92 -18.07
N LEU A 111 19.59 -9.21 -17.68
CA LEU A 111 19.03 -10.57 -17.70
C LEU A 111 19.19 -11.16 -19.10
N GLN A 112 18.92 -10.35 -20.12
CA GLN A 112 19.00 -10.78 -21.53
C GLN A 112 20.41 -11.19 -21.97
N LEU A 113 21.43 -10.65 -21.30
CA LEU A 113 22.81 -11.02 -21.58
C LEU A 113 23.10 -12.45 -21.10
N ALA A 114 22.49 -12.83 -19.98
CA ALA A 114 22.64 -14.17 -19.40
C ALA A 114 21.50 -15.12 -19.78
N MET A 115 20.67 -14.75 -20.75
CA MET A 115 19.59 -15.61 -21.23
C MET A 115 20.09 -16.87 -21.95
N PRO A 116 21.11 -16.74 -22.81
CA PRO A 116 21.71 -17.91 -23.47
C PRO A 116 22.37 -18.93 -22.53
N LEU A 117 22.72 -18.53 -21.31
CA LEU A 117 23.35 -19.42 -20.34
C LEU A 117 22.35 -20.21 -19.48
N LEU A 118 21.08 -20.23 -19.90
CA LEU A 118 20.03 -20.94 -19.19
C LEU A 118 19.63 -22.20 -19.96
N PRO A 119 18.91 -23.12 -19.31
CA PRO A 119 18.34 -24.27 -20.01
C PRO A 119 17.39 -23.88 -21.15
N GLN A 120 17.30 -24.72 -22.18
CA GLN A 120 16.40 -24.47 -23.31
C GLN A 120 14.92 -24.61 -22.93
N GLU A 121 14.65 -25.28 -21.81
CA GLU A 121 13.29 -25.39 -21.27
C GLU A 121 12.80 -24.03 -20.75
N VAL A 122 13.67 -23.32 -20.05
CA VAL A 122 13.33 -22.02 -19.45
C VAL A 122 13.21 -20.90 -20.49
N GLN A 123 13.94 -21.04 -21.60
CA GLN A 123 13.92 -20.04 -22.67
C GLN A 123 12.54 -19.94 -23.32
N GLN A 124 11.99 -21.10 -23.70
CA GLN A 124 10.66 -21.16 -24.30
C GLN A 124 9.53 -20.91 -23.30
N GLN A 125 9.83 -21.00 -22.01
CA GLN A 125 8.88 -20.64 -20.95
C GLN A 125 8.81 -19.12 -20.79
N GLY A 126 7.93 -18.67 -19.91
CA GLY A 126 7.65 -17.24 -19.77
C GLY A 126 8.54 -16.49 -18.79
N VAL A 127 9.64 -15.95 -19.30
CA VAL A 127 10.45 -14.97 -18.55
C VAL A 127 9.76 -13.62 -18.66
N SER A 128 9.71 -12.87 -17.56
CA SER A 128 8.95 -11.63 -17.50
C SER A 128 9.52 -10.62 -16.49
N VAL A 129 9.73 -9.39 -16.96
CA VAL A 129 10.18 -8.29 -16.10
C VAL A 129 9.08 -7.23 -16.05
N GLU A 130 8.28 -7.27 -14.98
CA GLU A 130 7.13 -6.39 -14.82
C GLU A 130 7.32 -5.46 -13.62
N LYS A 131 6.37 -4.55 -13.42
CA LYS A 131 6.37 -3.64 -12.27
C LYS A 131 5.47 -4.22 -11.18
N SER A 132 6.03 -4.37 -9.97
CA SER A 132 5.36 -5.09 -8.88
C SER A 132 4.89 -4.18 -7.75
N SER A 133 3.80 -4.59 -7.10
CA SER A 133 3.26 -3.89 -5.94
C SER A 133 2.45 -4.90 -5.11
N SER A 134 3.15 -5.65 -4.27
CA SER A 134 2.56 -6.76 -3.51
C SER A 134 1.22 -6.43 -2.86
N SER A 135 0.14 -6.65 -3.61
CA SER A 135 -1.23 -6.30 -3.21
C SER A 135 -2.11 -6.20 -4.45
N PHE A 136 -3.28 -6.84 -4.41
CA PHE A 136 -4.27 -6.73 -5.48
C PHE A 136 -5.21 -5.57 -5.18
N LEU A 137 -6.03 -5.20 -6.17
CA LEU A 137 -7.04 -4.15 -6.01
C LEU A 137 -8.38 -4.61 -6.59
N MET A 138 -8.44 -4.74 -7.92
CA MET A 138 -9.64 -5.23 -8.60
C MET A 138 -9.51 -6.72 -8.88
N VAL A 139 -10.26 -7.52 -8.13
CA VAL A 139 -10.32 -8.96 -8.35
C VAL A 139 -11.68 -9.28 -8.96
N VAL A 140 -11.67 -9.77 -10.19
CA VAL A 140 -12.89 -9.98 -10.96
C VAL A 140 -13.17 -11.48 -11.07
N GLY A 141 -14.04 -11.99 -10.20
CA GLY A 141 -14.46 -13.38 -10.23
C GLY A 141 -15.31 -13.69 -11.46
N VAL A 142 -15.30 -14.95 -11.87
CA VAL A 142 -16.05 -15.40 -13.04
C VAL A 142 -16.67 -16.77 -12.74
N ILE A 143 -17.99 -16.80 -12.63
CA ILE A 143 -18.73 -18.01 -12.26
C ILE A 143 -19.73 -18.42 -13.34
N ASN A 144 -20.46 -19.50 -13.09
CA ASN A 144 -21.55 -19.94 -13.97
C ASN A 144 -22.79 -20.36 -13.17
N THR A 145 -23.96 -20.10 -13.75
CA THR A 145 -25.24 -20.41 -13.11
C THR A 145 -26.14 -21.27 -14.01
N ASP A 146 -26.41 -20.79 -15.22
CA ASP A 146 -27.33 -21.48 -16.13
C ASP A 146 -26.66 -22.69 -16.82
N GLY A 147 -25.95 -22.44 -17.93
CA GLY A 147 -25.29 -23.50 -18.66
C GLY A 147 -23.99 -23.91 -17.98
N THR A 148 -24.10 -24.88 -17.06
CA THR A 148 -23.02 -25.19 -16.12
C THR A 148 -21.77 -25.75 -16.79
N MET A 149 -20.61 -25.27 -16.36
CA MET A 149 -19.31 -25.80 -16.78
C MET A 149 -18.37 -25.92 -15.58
N THR A 150 -17.15 -26.44 -15.82
CA THR A 150 -16.24 -26.80 -14.74
C THR A 150 -15.33 -25.63 -14.34
N GLN A 151 -14.40 -25.90 -13.42
CA GLN A 151 -13.37 -24.93 -13.03
C GLN A 151 -12.11 -25.23 -13.87
N GLU A 152 -12.26 -24.99 -15.16
CA GLU A 152 -11.25 -25.34 -16.17
C GLU A 152 -11.71 -24.80 -17.53
N ASP A 153 -12.98 -25.04 -17.85
CA ASP A 153 -13.66 -24.40 -18.98
C ASP A 153 -13.75 -22.89 -18.78
N ILE A 154 -13.98 -22.46 -17.55
CA ILE A 154 -14.12 -21.05 -17.23
C ILE A 154 -12.77 -20.33 -17.31
N SER A 155 -11.74 -20.94 -16.72
CA SER A 155 -10.39 -20.36 -16.70
C SER A 155 -9.76 -20.21 -18.09
N ASP A 156 -10.21 -21.02 -19.04
CA ASP A 156 -9.75 -20.91 -20.43
C ASP A 156 -10.35 -19.66 -21.10
N TYR A 157 -11.65 -19.47 -20.92
CA TYR A 157 -12.36 -18.34 -21.51
C TYR A 157 -11.91 -17.00 -20.91
N VAL A 158 -11.47 -17.03 -19.66
CA VAL A 158 -10.93 -15.84 -19.00
C VAL A 158 -9.56 -15.50 -19.59
N ALA A 159 -8.79 -16.54 -19.93
CA ALA A 159 -7.45 -16.38 -20.50
C ALA A 159 -7.42 -16.53 -22.01
N ALA A 160 -8.56 -16.30 -22.67
CA ALA A 160 -8.63 -16.33 -24.14
C ALA A 160 -9.70 -15.37 -24.66
N ASN A 161 -9.81 -14.22 -24.02
CA ASN A 161 -10.84 -13.22 -24.35
C ASN A 161 -10.64 -11.91 -23.58
N MET A 162 -10.48 -12.01 -22.27
CA MET A 162 -10.46 -10.84 -21.39
C MET A 162 -9.15 -10.62 -20.62
N LYS A 163 -8.29 -11.62 -20.53
CA LYS A 163 -7.02 -11.48 -19.79
C LYS A 163 -5.99 -10.73 -20.61
N ASP A 164 -5.89 -11.05 -21.90
CA ASP A 164 -4.96 -10.37 -22.80
C ASP A 164 -5.31 -8.88 -22.94
N ALA A 165 -6.60 -8.56 -22.83
CA ALA A 165 -7.09 -7.20 -22.95
C ALA A 165 -6.93 -6.39 -21.66
N ILE A 166 -6.93 -7.07 -20.51
CA ILE A 166 -6.87 -6.40 -19.20
C ILE A 166 -5.45 -5.94 -18.88
N SER A 167 -4.47 -6.82 -19.07
CA SER A 167 -3.06 -6.50 -18.82
C SER A 167 -2.55 -5.36 -19.71
N ARG A 168 -3.10 -5.27 -20.92
CA ARG A 168 -2.75 -4.21 -21.86
C ARG A 168 -3.37 -2.86 -21.48
N THR A 169 -4.59 -2.91 -20.93
CA THR A 169 -5.34 -1.69 -20.61
C THR A 169 -4.76 -0.92 -19.43
N SER A 170 -4.95 0.40 -19.46
CA SER A 170 -4.55 1.32 -18.38
C SER A 170 -3.40 0.85 -17.49
N GLY A 171 -2.23 0.65 -18.09
CA GLY A 171 -1.00 0.34 -17.37
C GLY A 171 -1.12 -0.61 -16.19
N VAL A 172 -1.44 -1.87 -16.47
CA VAL A 172 -1.47 -2.90 -15.42
C VAL A 172 -0.06 -3.46 -15.23
N GLY A 173 0.32 -3.68 -13.98
CA GLY A 173 1.63 -4.23 -13.65
C GLY A 173 1.81 -5.65 -14.13
N ASP A 174 1.08 -6.57 -13.50
CA ASP A 174 1.09 -7.98 -13.91
C ASP A 174 -0.19 -8.71 -13.48
N VAL A 175 -0.75 -9.48 -14.41
CA VAL A 175 -2.00 -10.21 -14.18
C VAL A 175 -1.71 -11.65 -13.73
N GLN A 176 -2.50 -12.13 -12.78
CA GLN A 176 -2.39 -13.50 -12.28
C GLN A 176 -3.69 -14.26 -12.55
N LEU A 177 -3.67 -15.14 -13.55
CA LEU A 177 -4.83 -15.94 -13.93
C LEU A 177 -5.12 -16.98 -12.84
N PHE A 178 -6.36 -17.03 -12.39
CA PHE A 178 -6.77 -17.97 -11.33
C PHE A 178 -7.25 -19.29 -11.93
N GLY A 179 -6.30 -20.06 -12.47
CA GLY A 179 -6.57 -21.35 -13.07
C GLY A 179 -5.50 -21.67 -14.09
N SER A 180 -5.91 -21.97 -15.32
CA SER A 180 -4.98 -22.12 -16.44
C SER A 180 -5.69 -22.05 -17.80
N GLN A 181 -4.99 -21.46 -18.77
CA GLN A 181 -5.46 -21.44 -20.17
C GLN A 181 -5.43 -22.87 -20.72
N TYR A 182 -6.34 -23.17 -21.64
CA TYR A 182 -6.44 -24.51 -22.21
C TYR A 182 -5.17 -24.89 -22.99
N ALA A 183 -4.99 -26.20 -23.17
CA ALA A 183 -3.80 -26.74 -23.82
C ALA A 183 -4.02 -28.22 -24.14
N MET A 184 -3.57 -28.64 -25.32
CA MET A 184 -3.73 -30.03 -25.75
C MET A 184 -2.94 -30.96 -24.83
N ARG A 185 -3.63 -31.49 -23.82
CA ARG A 185 -3.00 -32.26 -22.76
C ARG A 185 -2.98 -33.75 -23.12
N ILE A 186 -1.81 -34.37 -22.97
CA ILE A 186 -1.61 -35.78 -23.30
C ILE A 186 -1.11 -36.52 -22.07
N TRP A 187 -1.77 -37.64 -21.76
CA TRP A 187 -1.45 -38.44 -20.59
C TRP A 187 -0.91 -39.81 -21.03
N MET A 188 0.42 -39.89 -21.17
CA MET A 188 1.08 -41.10 -21.66
C MET A 188 0.97 -42.29 -20.70
N ASN A 189 0.29 -43.34 -21.14
CA ASN A 189 0.19 -44.59 -20.40
C ASN A 189 1.49 -45.39 -20.57
N PRO A 190 2.19 -45.69 -19.47
CA PRO A 190 3.45 -46.44 -19.55
C PRO A 190 3.28 -47.91 -19.97
N ASN A 191 2.14 -48.51 -19.62
CA ASN A 191 1.85 -49.90 -19.99
C ASN A 191 1.58 -50.07 -21.48
N GLU A 192 0.99 -49.04 -22.10
CA GLU A 192 0.68 -49.07 -23.53
C GLU A 192 1.85 -48.62 -24.40
N LEU A 193 2.96 -48.20 -23.78
CA LEU A 193 4.20 -47.91 -24.51
C LEU A 193 5.03 -49.20 -24.62
N ASN A 194 5.14 -49.92 -23.51
CA ASN A 194 5.88 -51.19 -23.46
C ASN A 194 5.21 -52.27 -24.32
N LYS A 195 3.90 -52.17 -24.52
CA LYS A 195 3.16 -53.11 -25.37
C LYS A 195 3.60 -53.01 -26.83
N PHE A 196 3.76 -51.78 -27.32
CA PHE A 196 4.17 -51.53 -28.71
C PHE A 196 5.64 -51.11 -28.82
N GLN A 197 6.40 -51.30 -27.74
CA GLN A 197 7.83 -50.94 -27.68
C GLN A 197 8.11 -49.48 -28.06
N LEU A 198 7.98 -48.58 -27.08
CA LEU A 198 8.13 -47.15 -27.31
C LEU A 198 8.55 -46.38 -26.05
N THR A 199 8.91 -45.11 -26.25
CA THR A 199 9.30 -44.21 -25.16
C THR A 199 8.59 -42.85 -25.28
N PRO A 200 8.68 -42.04 -24.24
CA PRO A 200 8.23 -40.63 -24.33
C PRO A 200 9.00 -39.80 -25.36
N VAL A 201 10.20 -40.22 -25.73
CA VAL A 201 10.99 -39.53 -26.75
C VAL A 201 10.36 -39.69 -28.14
N ASP A 202 9.77 -40.85 -28.39
CA ASP A 202 9.09 -41.12 -29.66
C ASP A 202 7.75 -40.39 -29.78
N VAL A 203 7.13 -40.08 -28.65
CA VAL A 203 5.86 -39.34 -28.63
C VAL A 203 6.12 -37.85 -28.91
N ILE A 204 7.20 -37.33 -28.34
CA ILE A 204 7.58 -35.93 -28.53
C ILE A 204 8.02 -35.66 -29.97
N THR A 205 8.66 -36.65 -30.59
CA THR A 205 9.14 -36.53 -31.96
C THR A 205 7.99 -36.56 -32.97
N ALA A 206 6.93 -37.29 -32.63
CA ALA A 206 5.75 -37.41 -33.49
C ALA A 206 4.95 -36.10 -33.55
N ILE A 207 4.99 -35.33 -32.46
CA ILE A 207 4.30 -34.05 -32.38
C ILE A 207 5.14 -32.93 -33.00
N LYS A 208 6.47 -33.07 -32.95
CA LYS A 208 7.38 -32.10 -33.57
C LYS A 208 7.76 -32.57 -34.97
N ALA A 209 6.75 -32.75 -35.81
CA ALA A 209 6.93 -33.28 -37.17
C ALA A 209 5.61 -33.18 -37.93
N GLN A 210 4.56 -33.79 -37.37
CA GLN A 210 3.22 -33.74 -37.94
C GLN A 210 2.48 -32.48 -37.50
N ASN A 211 2.60 -32.15 -36.20
CA ASN A 211 2.02 -30.91 -35.66
C ASN A 211 3.02 -29.75 -35.80
N ALA A 212 3.03 -29.15 -36.99
CA ALA A 212 3.93 -28.03 -37.28
C ALA A 212 3.55 -27.31 -38.58
N GLN A 213 3.86 -26.02 -38.64
CA GLN A 213 3.61 -25.20 -39.83
C GLN A 213 4.92 -24.93 -40.56
N VAL A 214 5.00 -25.37 -41.82
CA VAL A 214 6.21 -25.21 -42.64
C VAL A 214 6.03 -24.05 -43.62
N ALA A 215 7.12 -23.35 -43.89
CA ALA A 215 7.10 -22.19 -44.77
C ALA A 215 7.44 -22.57 -46.21
N ALA A 216 6.43 -23.03 -46.95
CA ALA A 216 6.58 -23.30 -48.37
C ALA A 216 6.61 -21.99 -49.14
N GLY A 217 7.21 -22.01 -50.33
CA GLY A 217 7.38 -20.82 -51.14
C GLY A 217 6.10 -20.34 -51.80
N GLN A 218 6.11 -20.24 -53.13
CA GLN A 218 4.96 -19.76 -53.88
C GLN A 218 5.12 -19.98 -55.39
N LEU A 219 4.04 -20.42 -56.04
CA LEU A 219 4.01 -20.55 -57.49
C LEU A 219 4.12 -19.16 -58.12
N GLY A 220 4.97 -19.04 -59.13
CA GLY A 220 5.32 -17.75 -59.68
C GLY A 220 6.18 -17.00 -58.68
N GLY A 221 7.43 -17.43 -58.56
CA GLY A 221 8.33 -16.96 -57.51
C GLY A 221 8.71 -15.49 -57.58
N THR A 222 9.50 -15.06 -56.58
CA THR A 222 9.92 -13.67 -56.47
C THR A 222 10.76 -13.21 -57.68
N PRO A 223 11.68 -14.06 -58.15
CA PRO A 223 12.29 -13.89 -59.47
C PRO A 223 11.65 -14.86 -60.48
N PRO A 224 10.61 -14.44 -61.19
CA PRO A 224 9.88 -15.34 -62.10
C PRO A 224 10.44 -15.33 -63.51
N VAL A 225 9.79 -16.06 -64.41
CA VAL A 225 10.10 -16.01 -65.83
C VAL A 225 9.17 -14.99 -66.48
N LYS A 226 9.71 -14.18 -67.39
CA LYS A 226 8.96 -13.08 -67.98
C LYS A 226 7.76 -13.60 -68.79
N GLY A 227 6.56 -13.32 -68.31
CA GLY A 227 5.32 -13.73 -68.97
C GLY A 227 4.47 -14.71 -68.19
N GLN A 228 4.71 -14.84 -66.89
CA GLN A 228 3.88 -15.70 -66.03
C GLN A 228 2.56 -15.00 -65.72
N GLN A 229 1.47 -15.75 -65.75
CA GLN A 229 0.12 -15.20 -65.63
C GLN A 229 -0.42 -15.21 -64.20
N LEU A 230 -0.08 -16.25 -63.43
CA LEU A 230 -0.62 -16.41 -62.07
C LEU A 230 0.46 -16.30 -60.99
N ASN A 231 0.02 -16.11 -59.75
CA ASN A 231 0.92 -16.05 -58.60
C ASN A 231 0.15 -16.26 -57.29
N ALA A 232 0.34 -17.42 -56.67
CA ALA A 232 -0.31 -17.76 -55.41
C ALA A 232 0.66 -18.39 -54.41
N SER A 233 0.28 -18.39 -53.14
CA SER A 233 1.12 -18.94 -52.07
C SER A 233 0.82 -20.41 -51.82
N ILE A 234 1.87 -21.20 -51.59
CA ILE A 234 1.75 -22.63 -51.34
C ILE A 234 1.49 -22.91 -49.86
N ILE A 235 0.53 -23.80 -49.58
CA ILE A 235 0.28 -24.29 -48.23
C ILE A 235 0.71 -25.77 -48.18
N ALA A 236 1.35 -26.16 -47.08
CA ALA A 236 1.82 -27.53 -46.89
C ALA A 236 1.27 -28.13 -45.60
N GLN A 237 2.06 -28.11 -44.52
CA GLN A 237 1.64 -28.67 -43.24
C GLN A 237 0.90 -27.61 -42.41
N THR A 238 -0.18 -28.03 -41.75
CA THR A 238 -1.00 -27.14 -40.94
C THR A 238 -1.02 -27.64 -39.49
N ARG A 239 -1.03 -26.69 -38.55
CA ARG A 239 -1.10 -27.02 -37.13
C ARG A 239 -2.46 -27.63 -36.79
N LEU A 240 -2.45 -28.65 -35.94
CA LEU A 240 -3.66 -29.40 -35.59
C LEU A 240 -4.63 -28.54 -34.77
N THR A 241 -5.90 -28.93 -34.77
CA THR A 241 -6.97 -28.12 -34.20
C THR A 241 -7.61 -28.74 -32.95
N SER A 242 -8.21 -29.92 -33.13
CA SER A 242 -9.03 -30.53 -32.08
C SER A 242 -8.43 -31.80 -31.48
N THR A 243 -9.09 -32.30 -30.44
CA THR A 243 -8.68 -33.53 -29.76
C THR A 243 -8.68 -34.77 -30.65
N GLU A 244 -9.58 -34.81 -31.63
CA GLU A 244 -9.69 -35.94 -32.55
C GLU A 244 -8.46 -36.08 -33.45
N GLU A 245 -7.96 -34.95 -33.95
CA GLU A 245 -6.86 -34.95 -34.90
C GLU A 245 -5.51 -35.28 -34.25
N PHE A 246 -5.38 -34.97 -32.97
CA PHE A 246 -4.17 -35.31 -32.20
C PHE A 246 -4.11 -36.82 -31.91
N GLY A 247 -5.28 -37.45 -31.83
CA GLY A 247 -5.36 -38.89 -31.63
C GLY A 247 -4.98 -39.73 -32.85
N LYS A 248 -4.92 -39.11 -34.02
CA LYS A 248 -4.57 -39.81 -35.26
C LYS A 248 -3.14 -39.46 -35.73
N ILE A 249 -2.23 -39.32 -34.78
CA ILE A 249 -0.81 -39.08 -35.09
C ILE A 249 -0.10 -40.43 -35.11
N LEU A 250 0.52 -40.75 -36.25
CA LEU A 250 1.15 -42.06 -36.45
C LEU A 250 2.50 -42.15 -35.75
N LEU A 251 2.56 -42.96 -34.69
CA LEU A 251 3.80 -43.21 -33.96
C LEU A 251 4.61 -44.31 -34.63
N LYS A 252 3.96 -45.46 -34.87
CA LYS A 252 4.63 -46.64 -35.40
C LYS A 252 3.71 -47.46 -36.31
N VAL A 253 4.29 -48.45 -36.99
CA VAL A 253 3.53 -49.44 -37.76
C VAL A 253 4.16 -50.82 -37.54
N ASN A 254 3.56 -51.60 -36.64
CA ASN A 254 4.08 -52.91 -36.27
C ASN A 254 4.02 -53.93 -37.42
N GLN A 255 5.07 -54.73 -37.53
CA GLN A 255 5.21 -55.82 -38.51
C GLN A 255 4.01 -56.13 -39.43
N ASP A 256 2.88 -56.52 -38.83
CA ASP A 256 1.73 -57.05 -39.57
C ASP A 256 0.79 -56.00 -40.20
N GLY A 257 1.26 -54.77 -40.40
CA GLY A 257 0.47 -53.70 -40.98
C GLY A 257 -0.52 -53.05 -40.01
N SER A 258 -0.39 -53.34 -38.72
CA SER A 258 -1.26 -52.73 -37.71
C SER A 258 -0.75 -51.33 -37.38
N ARG A 259 -1.67 -50.38 -37.21
CA ARG A 259 -1.32 -48.99 -36.94
C ARG A 259 -1.40 -48.66 -35.46
N VAL A 260 -0.30 -48.14 -34.92
CA VAL A 260 -0.25 -47.62 -33.56
C VAL A 260 -0.45 -46.11 -33.62
N LEU A 261 -1.44 -45.60 -32.87
CA LEU A 261 -1.75 -44.17 -32.84
C LEU A 261 -1.47 -43.60 -31.46
N LEU A 262 -1.49 -42.27 -31.36
CA LEU A 262 -1.26 -41.57 -30.10
C LEU A 262 -2.42 -41.75 -29.11
N ARG A 263 -3.62 -41.96 -29.66
CA ARG A 263 -4.81 -42.24 -28.85
C ARG A 263 -4.74 -43.64 -28.25
N ASP A 264 -4.17 -44.59 -29.00
CA ASP A 264 -4.05 -45.98 -28.55
C ASP A 264 -3.09 -46.13 -27.37
N VAL A 265 -2.05 -45.31 -27.32
CA VAL A 265 -1.05 -45.38 -26.25
C VAL A 265 -1.27 -44.38 -25.12
N ALA A 266 -2.18 -43.42 -25.31
CA ALA A 266 -2.37 -42.32 -24.35
C ALA A 266 -3.75 -41.68 -24.44
N LYS A 267 -4.26 -41.24 -23.28
CA LYS A 267 -5.51 -40.48 -23.20
C LYS A 267 -5.27 -39.08 -23.78
N ILE A 268 -6.32 -38.50 -24.38
CA ILE A 268 -6.23 -37.15 -24.94
C ILE A 268 -7.44 -36.32 -24.49
N GLU A 269 -7.21 -35.45 -23.51
CA GLU A 269 -8.24 -34.55 -23.00
C GLU A 269 -7.76 -33.09 -23.12
N LEU A 270 -8.66 -32.21 -23.55
CA LEU A 270 -8.36 -30.79 -23.64
C LEU A 270 -8.61 -30.13 -22.29
N GLY A 271 -7.58 -30.13 -21.45
CA GLY A 271 -7.66 -29.59 -20.09
C GLY A 271 -6.65 -28.49 -19.84
N GLY A 272 -6.50 -28.11 -18.58
CA GLY A 272 -5.64 -27.00 -18.21
C GLY A 272 -4.15 -27.28 -18.41
N GLU A 273 -3.37 -26.21 -18.54
CA GLU A 273 -1.92 -26.31 -18.70
C GLU A 273 -1.23 -26.49 -17.34
N ASN A 274 -1.92 -26.10 -16.28
CA ASN A 274 -1.35 -26.13 -14.93
C ASN A 274 -2.45 -26.39 -13.89
N TYR A 275 -2.40 -27.57 -13.26
CA TYR A 275 -3.40 -27.98 -12.29
C TYR A 275 -2.98 -27.70 -10.83
N ASP A 276 -1.99 -26.84 -10.65
CA ASP A 276 -1.49 -26.51 -9.31
C ASP A 276 -2.48 -25.68 -8.49
N ILE A 277 -3.36 -24.94 -9.17
CA ILE A 277 -4.34 -24.09 -8.48
C ILE A 277 -5.73 -24.12 -9.14
N ILE A 278 -6.76 -24.21 -8.29
CA ILE A 278 -8.15 -24.17 -8.74
C ILE A 278 -9.01 -23.45 -7.70
N ALA A 279 -9.59 -22.31 -8.08
CA ALA A 279 -10.29 -21.43 -7.15
C ALA A 279 -11.78 -21.76 -7.03
N GLU A 280 -12.38 -21.30 -5.92
CA GLU A 280 -13.82 -21.40 -5.69
C GLU A 280 -14.40 -20.03 -5.29
N PHE A 281 -15.73 -19.95 -5.31
CA PHE A 281 -16.46 -18.74 -4.93
C PHE A 281 -17.72 -19.16 -4.16
N ASN A 282 -17.65 -19.11 -2.83
CA ASN A 282 -18.72 -19.59 -1.96
C ASN A 282 -19.03 -21.08 -2.19
N GLY A 283 -17.98 -21.87 -2.42
CA GLY A 283 -18.14 -23.29 -2.72
C GLY A 283 -18.71 -23.57 -4.09
N GLN A 284 -18.29 -22.77 -5.07
CA GLN A 284 -18.76 -22.91 -6.46
C GLN A 284 -17.57 -22.80 -7.43
N PRO A 285 -17.45 -23.72 -8.39
CA PRO A 285 -16.29 -23.74 -9.28
C PRO A 285 -16.13 -22.45 -10.09
N ALA A 286 -14.95 -21.85 -10.05
CA ALA A 286 -14.72 -20.52 -10.64
C ALA A 286 -13.26 -20.20 -10.96
N SER A 287 -13.07 -19.20 -11.81
CA SER A 287 -11.76 -18.63 -12.10
C SER A 287 -11.78 -17.13 -11.73
N GLY A 288 -10.85 -16.35 -12.26
CA GLY A 288 -10.86 -14.91 -12.05
C GLY A 288 -9.69 -14.15 -12.64
N LEU A 289 -9.50 -12.93 -12.17
CA LEU A 289 -8.42 -12.06 -12.64
C LEU A 289 -7.90 -11.19 -11.49
N GLY A 290 -6.74 -11.57 -10.94
CA GLY A 290 -6.12 -10.82 -9.85
C GLY A 290 -5.17 -9.77 -10.38
N ILE A 291 -5.71 -8.59 -10.68
CA ILE A 291 -4.91 -7.47 -11.20
C ILE A 291 -4.13 -6.81 -10.07
N LYS A 292 -2.85 -6.58 -10.29
CA LYS A 292 -1.97 -5.90 -9.32
C LYS A 292 -1.39 -4.63 -9.96
N LEU A 293 -1.10 -3.64 -9.12
CA LEU A 293 -0.67 -2.31 -9.59
C LEU A 293 0.70 -2.34 -10.26
N ALA A 294 0.99 -1.28 -11.02
CA ALA A 294 2.19 -1.20 -11.86
C ALA A 294 3.27 -0.27 -11.28
N THR A 295 3.33 -0.15 -9.96
CA THR A 295 4.37 0.62 -9.28
C THR A 295 4.46 2.07 -9.80
N GLY A 296 3.36 2.80 -9.66
CA GLY A 296 3.25 4.15 -10.19
C GLY A 296 2.00 4.41 -11.02
N ALA A 297 1.16 3.39 -11.20
CA ALA A 297 -0.11 3.54 -11.92
C ALA A 297 -1.08 4.46 -11.19
N ASN A 298 -2.15 4.84 -11.87
CA ASN A 298 -3.16 5.75 -11.32
C ASN A 298 -4.31 4.98 -10.66
N ALA A 299 -3.98 4.26 -9.58
CA ALA A 299 -4.90 3.38 -8.85
C ALA A 299 -6.34 3.28 -9.37
N LEU A 300 -7.16 4.32 -9.13
CA LEU A 300 -8.60 4.26 -9.39
C LEU A 300 -8.95 4.40 -10.86
N ASP A 301 -8.23 5.26 -11.57
CA ASP A 301 -8.43 5.44 -13.02
C ASP A 301 -8.07 4.18 -13.81
N THR A 302 -7.14 3.39 -13.27
CA THR A 302 -6.79 2.09 -13.84
C THR A 302 -7.89 1.07 -13.55
N ALA A 303 -8.51 1.16 -12.38
CA ALA A 303 -9.61 0.29 -11.98
C ALA A 303 -10.91 0.63 -12.71
N ALA A 304 -11.01 1.87 -13.21
CA ALA A 304 -12.18 2.31 -13.97
C ALA A 304 -12.08 1.81 -15.41
N ALA A 305 -10.84 1.72 -15.91
CA ALA A 305 -10.58 1.21 -17.26
C ALA A 305 -10.48 -0.32 -17.28
N ILE A 306 -10.49 -0.95 -16.11
CA ILE A 306 -10.63 -2.39 -16.00
C ILE A 306 -12.07 -2.78 -16.36
N ARG A 307 -13.02 -1.91 -15.99
CA ARG A 307 -14.42 -2.08 -16.38
C ARG A 307 -14.66 -1.67 -17.84
N ALA A 308 -13.87 -0.73 -18.35
CA ALA A 308 -14.01 -0.25 -19.72
C ALA A 308 -13.77 -1.37 -20.74
N GLU A 309 -12.68 -2.10 -20.57
CA GLU A 309 -12.34 -3.23 -21.44
C GLU A 309 -13.29 -4.40 -21.18
N LEU A 310 -13.64 -4.62 -19.92
CA LEU A 310 -14.55 -5.69 -19.52
C LEU A 310 -15.97 -5.50 -20.04
N ALA A 311 -16.36 -4.25 -20.30
CA ALA A 311 -17.72 -3.91 -20.72
C ALA A 311 -17.99 -4.33 -22.16
N LYS A 312 -16.95 -4.29 -22.99
CA LYS A 312 -17.04 -4.70 -24.40
C LYS A 312 -17.02 -6.22 -24.53
N MET A 313 -16.54 -6.91 -23.49
CA MET A 313 -16.48 -8.37 -23.46
C MET A 313 -17.83 -8.99 -23.04
N GLU A 314 -18.61 -8.27 -22.24
CA GLU A 314 -19.84 -8.81 -21.65
C GLU A 314 -20.86 -9.39 -22.64
N PRO A 315 -21.17 -8.67 -23.73
CA PRO A 315 -22.22 -9.10 -24.67
C PRO A 315 -21.96 -10.47 -25.35
N PHE A 316 -20.70 -10.83 -25.54
CA PHE A 316 -20.34 -12.05 -26.27
C PHE A 316 -20.00 -13.22 -25.34
N PHE A 317 -20.73 -13.33 -24.23
CA PHE A 317 -20.52 -14.39 -23.25
C PHE A 317 -21.41 -15.60 -23.54
N PRO A 318 -20.92 -16.81 -23.29
CA PRO A 318 -21.75 -18.01 -23.35
C PRO A 318 -22.91 -18.00 -22.35
N SER A 319 -23.75 -19.05 -22.41
CA SER A 319 -24.91 -19.15 -21.52
C SER A 319 -24.50 -19.45 -20.09
N GLY A 320 -24.91 -18.59 -19.16
CA GLY A 320 -24.62 -18.77 -17.74
C GLY A 320 -23.46 -17.94 -17.22
N LEU A 321 -22.56 -17.54 -18.11
CA LEU A 321 -21.34 -16.82 -17.70
C LEU A 321 -21.70 -15.41 -17.19
N LYS A 322 -21.45 -15.19 -15.89
CA LYS A 322 -21.76 -13.92 -15.22
C LYS A 322 -20.57 -13.45 -14.38
N ILE A 323 -20.43 -12.12 -14.27
CA ILE A 323 -19.30 -11.53 -13.54
C ILE A 323 -19.71 -11.11 -12.12
N VAL A 324 -18.82 -11.39 -11.17
CA VAL A 324 -19.01 -11.03 -9.76
C VAL A 324 -17.78 -10.27 -9.25
N TYR A 325 -17.93 -9.51 -8.16
CA TYR A 325 -16.88 -8.62 -7.67
C TYR A 325 -16.56 -8.78 -6.17
N PRO A 326 -15.70 -9.74 -5.83
CA PRO A 326 -15.10 -9.81 -4.49
C PRO A 326 -13.75 -9.08 -4.44
N TYR A 327 -13.37 -8.58 -3.26
CA TYR A 327 -12.10 -7.87 -3.07
C TYR A 327 -11.95 -6.69 -4.03
N ASP A 328 -12.48 -5.54 -3.65
CA ASP A 328 -12.51 -4.36 -4.51
C ASP A 328 -12.26 -3.07 -3.71
N THR A 329 -11.27 -2.29 -4.15
CA THR A 329 -10.86 -1.06 -3.46
C THR A 329 -11.59 0.19 -3.97
N THR A 330 -12.35 0.04 -5.06
CA THR A 330 -13.06 1.15 -5.69
C THR A 330 -13.99 1.93 -4.76
N PRO A 331 -14.88 1.26 -4.03
CA PRO A 331 -15.85 1.95 -3.17
C PRO A 331 -15.25 2.59 -1.91
N PHE A 332 -14.03 2.19 -1.52
CA PHE A 332 -13.34 2.84 -0.41
C PHE A 332 -12.84 4.24 -0.78
N VAL A 333 -12.52 4.43 -2.06
CA VAL A 333 -12.18 5.76 -2.58
C VAL A 333 -13.43 6.64 -2.65
N LYS A 334 -14.56 6.05 -3.00
CA LYS A 334 -15.82 6.77 -3.16
C LYS A 334 -16.46 7.14 -1.82
N ILE A 335 -16.05 6.46 -0.75
CA ILE A 335 -16.55 6.74 0.60
C ILE A 335 -15.67 7.78 1.30
N SER A 336 -14.38 7.78 0.99
CA SER A 336 -13.43 8.74 1.56
C SER A 336 -13.66 10.15 1.00
N ILE A 337 -14.15 10.22 -0.23
CA ILE A 337 -14.52 11.50 -0.84
C ILE A 337 -15.90 11.93 -0.36
N HIS A 338 -16.79 10.96 -0.15
CA HIS A 338 -18.16 11.26 0.31
C HIS A 338 -18.23 11.59 1.81
N GLU A 339 -17.18 11.26 2.56
CA GLU A 339 -17.15 11.50 4.01
C GLU A 339 -16.28 12.71 4.39
N VAL A 340 -15.37 13.09 3.49
CA VAL A 340 -14.53 14.28 3.70
C VAL A 340 -15.25 15.53 3.18
N VAL A 341 -15.98 15.37 2.07
CA VAL A 341 -16.79 16.45 1.50
C VAL A 341 -18.07 16.65 2.32
N LYS A 342 -18.50 15.61 3.03
CA LYS A 342 -19.59 15.73 4.01
C LYS A 342 -19.11 16.48 5.24
N THR A 343 -17.86 16.20 5.63
CA THR A 343 -17.20 16.91 6.73
C THR A 343 -16.94 18.37 6.37
N LEU A 344 -16.66 18.62 5.10
CA LEU A 344 -16.40 19.96 4.58
C LEU A 344 -17.63 20.84 4.71
N VAL A 345 -18.78 20.31 4.31
CA VAL A 345 -20.04 21.06 4.33
C VAL A 345 -20.58 21.21 5.76
N GLU A 346 -20.21 20.27 6.64
CA GLU A 346 -20.63 20.32 8.04
C GLU A 346 -19.83 21.35 8.83
N ALA A 347 -18.58 21.58 8.43
CA ALA A 347 -17.72 22.55 9.10
C ALA A 347 -18.04 23.98 8.67
N ILE A 348 -18.65 24.13 7.50
CA ILE A 348 -19.10 25.43 7.01
C ILE A 348 -20.42 25.83 7.68
N ILE A 349 -21.32 24.86 7.84
CA ILE A 349 -22.66 25.13 8.39
C ILE A 349 -22.63 25.38 9.89
N LEU A 350 -21.64 24.81 10.58
CA LEU A 350 -21.48 25.01 12.03
C LEU A 350 -20.66 26.28 12.32
N VAL A 351 -19.85 26.70 11.36
CA VAL A 351 -19.18 28.00 11.43
C VAL A 351 -20.21 29.13 11.28
N PHE A 352 -21.28 28.84 10.55
CA PHE A 352 -22.37 29.79 10.32
C PHE A 352 -23.16 30.07 11.61
N LEU A 353 -23.34 29.03 12.44
CA LEU A 353 -24.10 29.16 13.68
C LEU A 353 -23.32 29.91 14.77
N VAL A 354 -22.00 29.77 14.77
CA VAL A 354 -21.13 30.48 15.71
C VAL A 354 -20.98 31.95 15.31
N MET A 355 -21.08 32.23 14.01
CA MET A 355 -20.96 33.59 13.49
C MET A 355 -22.28 34.36 13.57
N TYR A 356 -23.38 33.64 13.85
CA TYR A 356 -24.69 34.26 14.03
C TYR A 356 -24.97 34.56 15.50
N LEU A 357 -24.40 33.75 16.39
CA LEU A 357 -24.54 33.94 17.84
C LEU A 357 -23.77 35.19 18.29
N PHE A 358 -22.57 35.37 17.76
CA PHE A 358 -21.72 36.50 18.11
C PHE A 358 -22.17 37.76 17.36
N LEU A 359 -22.41 37.62 16.05
CA LEU A 359 -22.92 38.71 15.23
C LEU A 359 -24.34 38.35 14.74
N GLN A 360 -25.35 39.02 15.28
CA GLN A 360 -26.74 38.72 14.93
C GLN A 360 -27.13 39.19 13.52
N ASN A 361 -26.30 40.04 12.91
CA ASN A 361 -26.50 40.46 11.53
C ASN A 361 -26.35 39.28 10.57
N PHE A 362 -27.33 39.08 9.70
CA PHE A 362 -27.30 37.97 8.74
C PHE A 362 -26.27 38.21 7.64
N ARG A 363 -26.14 39.46 7.21
CA ARG A 363 -25.14 39.84 6.20
C ARG A 363 -23.72 39.87 6.75
N ALA A 364 -23.58 39.91 8.08
CA ALA A 364 -22.27 39.82 8.73
C ALA A 364 -21.76 38.37 8.71
N THR A 365 -22.65 37.42 8.94
CA THR A 365 -22.33 35.99 8.78
C THR A 365 -22.46 35.61 7.31
N LEU A 366 -21.46 36.01 6.53
CA LEU A 366 -21.49 35.87 5.07
C LEU A 366 -20.11 36.08 4.44
N ILE A 367 -19.31 36.97 5.00
CA ILE A 367 -17.93 37.20 4.53
C ILE A 367 -17.05 35.97 4.78
N PRO A 368 -17.07 35.39 5.99
CA PRO A 368 -16.31 34.18 6.27
C PRO A 368 -16.92 32.93 5.61
N THR A 369 -18.22 32.97 5.35
CA THR A 369 -18.91 31.88 4.63
C THR A 369 -18.48 31.83 3.16
N ILE A 370 -18.16 32.99 2.59
CA ILE A 370 -17.69 33.08 1.20
C ILE A 370 -16.22 33.49 1.18
N ALA A 371 -15.46 32.99 2.16
CA ALA A 371 -14.02 33.21 2.22
C ALA A 371 -13.30 31.88 2.02
N VAL A 372 -13.59 30.91 2.90
CA VAL A 372 -12.95 29.60 2.85
C VAL A 372 -13.30 28.72 1.63
N PRO A 373 -14.51 28.80 1.06
CA PRO A 373 -14.79 28.09 -0.19
C PRO A 373 -13.85 28.49 -1.32
N VAL A 374 -13.46 29.77 -1.38
CA VAL A 374 -12.52 30.27 -2.38
C VAL A 374 -11.11 29.73 -2.16
N VAL A 375 -10.70 29.61 -0.90
CA VAL A 375 -9.35 29.13 -0.57
C VAL A 375 -9.20 27.62 -0.80
N LEU A 376 -10.29 26.88 -0.65
CA LEU A 376 -10.29 25.42 -0.85
C LEU A 376 -10.13 25.06 -2.32
N LEU A 377 -10.79 25.83 -3.20
CA LEU A 377 -10.69 25.62 -4.64
C LEU A 377 -9.30 25.98 -5.14
N GLY A 378 -8.71 27.04 -4.60
CA GLY A 378 -7.38 27.47 -4.96
C GLY A 378 -6.32 26.45 -4.63
N THR A 379 -6.55 25.68 -3.57
CA THR A 379 -5.62 24.62 -3.16
C THR A 379 -5.58 23.49 -4.19
N PHE A 380 -6.72 23.17 -4.79
CA PHE A 380 -6.79 22.17 -5.86
C PHE A 380 -5.94 22.57 -7.07
N ALA A 381 -5.88 23.88 -7.35
CA ALA A 381 -5.11 24.40 -8.48
C ALA A 381 -3.59 24.30 -8.25
N VAL A 382 -3.17 24.41 -7.00
CA VAL A 382 -1.75 24.34 -6.65
C VAL A 382 -1.25 22.88 -6.65
N LEU A 383 -2.12 21.95 -6.27
CA LEU A 383 -1.77 20.52 -6.25
C LEU A 383 -1.64 19.95 -7.65
N ALA A 384 -2.43 20.49 -8.58
CA ALA A 384 -2.36 20.08 -9.98
C ALA A 384 -1.09 20.60 -10.66
N ALA A 385 -0.62 21.77 -10.21
CA ALA A 385 0.56 22.40 -10.78
C ALA A 385 1.88 21.92 -10.16
N PHE A 386 1.78 21.15 -9.07
CA PHE A 386 2.97 20.61 -8.39
C PHE A 386 3.14 19.09 -8.58
N GLY A 387 2.06 18.39 -8.95
CA GLY A 387 2.11 16.95 -9.18
C GLY A 387 1.30 16.10 -8.22
N PHE A 388 0.84 16.69 -7.12
CA PHE A 388 0.05 15.96 -6.12
C PHE A 388 -1.36 15.68 -6.66
N SER A 389 -2.05 14.75 -6.01
CA SER A 389 -3.39 14.35 -6.42
C SER A 389 -4.38 14.41 -5.26
N ILE A 390 -5.64 14.13 -5.55
CA ILE A 390 -6.67 13.98 -4.52
C ILE A 390 -6.44 12.63 -3.83
N ASN A 391 -5.62 12.65 -2.79
CA ASN A 391 -5.28 11.45 -2.03
C ASN A 391 -6.07 11.40 -0.73
N THR A 392 -5.81 10.40 0.10
CA THR A 392 -6.33 10.35 1.45
C THR A 392 -5.69 11.46 2.31
N LEU A 393 -4.48 11.87 1.94
CA LEU A 393 -3.73 12.88 2.70
C LEU A 393 -4.05 14.31 2.28
N THR A 394 -4.30 14.55 1.00
CA THR A 394 -4.63 15.90 0.52
C THR A 394 -6.14 16.14 0.43
N MET A 395 -6.88 15.44 1.30
CA MET A 395 -8.32 15.66 1.48
C MET A 395 -8.63 15.80 2.96
N PHE A 396 -7.99 14.97 3.78
CA PHE A 396 -7.90 15.20 5.21
C PHE A 396 -7.13 16.49 5.51
N GLY A 397 -6.28 16.92 4.57
CA GLY A 397 -5.57 18.17 4.68
C GLY A 397 -6.48 19.36 4.43
N MET A 398 -7.51 19.15 3.62
CA MET A 398 -8.54 20.16 3.39
C MET A 398 -9.47 20.30 4.61
N VAL A 399 -9.58 19.23 5.40
CA VAL A 399 -10.38 19.24 6.63
C VAL A 399 -9.63 19.95 7.76
N LEU A 400 -8.33 19.65 7.88
CA LEU A 400 -7.47 20.27 8.88
C LEU A 400 -7.16 21.73 8.52
N ALA A 401 -7.31 22.06 7.24
CA ALA A 401 -7.12 23.43 6.77
C ALA A 401 -8.33 24.29 7.10
N ILE A 402 -9.53 23.74 6.95
CA ILE A 402 -10.77 24.47 7.25
C ILE A 402 -10.64 25.29 8.53
N GLY A 403 -9.96 24.73 9.53
CA GLY A 403 -9.67 25.43 10.76
C GLY A 403 -8.80 26.66 10.59
N LEU A 404 -7.62 26.46 10.00
CA LEU A 404 -6.69 27.55 9.68
C LEU A 404 -7.05 28.15 8.31
N LEU A 405 -8.25 28.73 8.23
CA LEU A 405 -8.81 29.24 6.98
C LEU A 405 -9.93 30.24 7.29
N VAL A 406 -10.91 29.81 8.09
CA VAL A 406 -11.96 30.71 8.59
C VAL A 406 -11.42 31.53 9.77
N ASP A 407 -10.30 31.10 10.33
CA ASP A 407 -9.59 31.84 11.38
C ASP A 407 -9.00 33.12 10.82
N ASP A 408 -8.30 33.01 9.68
CA ASP A 408 -7.69 34.17 9.03
C ASP A 408 -8.74 35.14 8.49
N ALA A 409 -9.89 34.60 8.09
CA ALA A 409 -11.03 35.42 7.66
C ALA A 409 -11.70 36.11 8.85
N ILE A 410 -11.73 35.42 10.00
CA ILE A 410 -12.40 35.92 11.20
C ILE A 410 -11.80 37.23 11.71
N VAL A 411 -10.47 37.35 11.64
CA VAL A 411 -9.78 38.52 12.19
C VAL A 411 -10.05 39.77 11.36
N VAL A 412 -10.19 39.60 10.04
CA VAL A 412 -10.43 40.73 9.14
C VAL A 412 -11.84 41.32 9.33
N VAL A 413 -12.83 40.45 9.54
CA VAL A 413 -14.23 40.86 9.59
C VAL A 413 -14.60 41.50 10.92
N GLU A 414 -14.30 40.79 12.02
CA GLU A 414 -14.75 41.19 13.36
C GLU A 414 -13.95 42.35 13.96
N ASN A 415 -12.72 42.57 13.50
CA ASN A 415 -11.93 43.71 13.97
C ASN A 415 -12.44 45.03 13.38
N VAL A 416 -13.12 44.94 12.25
CA VAL A 416 -13.87 46.07 11.72
C VAL A 416 -15.15 46.24 12.56
N GLU A 417 -15.79 45.13 12.91
CA GLU A 417 -17.03 45.14 13.69
C GLU A 417 -16.89 45.88 15.01
N ARG A 418 -15.72 45.81 15.63
CA ARG A 418 -15.44 46.56 16.85
C ARG A 418 -15.20 48.03 16.49
N VAL A 419 -14.46 48.26 15.40
CA VAL A 419 -14.23 49.62 14.89
C VAL A 419 -15.55 50.31 14.52
N MET A 420 -16.61 49.53 14.29
CA MET A 420 -17.95 50.06 14.02
C MET A 420 -18.81 50.06 15.29
N ALA A 421 -18.20 50.46 16.42
CA ALA A 421 -18.87 50.43 17.73
C ALA A 421 -18.04 51.18 18.76
N GLU A 422 -16.78 50.74 18.93
CA GLU A 422 -15.76 51.48 19.67
C GLU A 422 -15.75 52.95 19.26
N GLU A 423 -15.86 53.20 17.97
CA GLU A 423 -16.00 54.55 17.43
C GLU A 423 -17.00 54.55 16.26
N GLY A 424 -18.19 54.03 16.53
CA GLY A 424 -19.29 53.91 15.57
C GLY A 424 -19.07 54.52 14.20
N LEU A 425 -18.57 53.71 13.27
CA LEU A 425 -18.23 54.16 11.92
C LEU A 425 -18.40 53.02 10.90
N PRO A 426 -19.51 53.00 10.16
CA PRO A 426 -19.72 52.04 9.06
C PRO A 426 -18.82 52.11 7.81
N PRO A 427 -18.28 53.27 7.41
CA PRO A 427 -17.82 53.48 6.03
C PRO A 427 -16.57 52.69 5.60
N LYS A 428 -16.13 52.94 4.36
CA LYS A 428 -14.95 52.28 3.79
C LYS A 428 -13.66 52.59 4.55
N GLU A 429 -13.55 53.81 5.07
CA GLU A 429 -12.36 54.23 5.80
C GLU A 429 -12.24 53.57 7.17
N ALA A 430 -13.37 53.11 7.71
CA ALA A 430 -13.35 52.29 8.92
C ALA A 430 -12.63 50.97 8.65
N THR A 431 -12.90 50.39 7.48
CA THR A 431 -12.26 49.14 7.06
C THR A 431 -10.76 49.32 6.78
N ARG A 432 -10.37 50.51 6.33
CA ARG A 432 -8.99 50.77 5.91
C ARG A 432 -8.03 50.84 7.10
N LYS A 433 -8.41 51.60 8.12
CA LYS A 433 -7.57 51.77 9.32
C LYS A 433 -7.75 50.62 10.32
N SER A 434 -8.66 49.69 10.03
CA SER A 434 -8.72 48.42 10.74
C SER A 434 -7.52 47.56 10.35
N MET A 435 -7.13 47.65 9.08
CA MET A 435 -5.94 46.95 8.59
C MET A 435 -4.63 47.61 9.04
N GLY A 436 -4.71 48.75 9.71
CA GLY A 436 -3.56 49.33 10.37
C GLY A 436 -3.05 48.44 11.50
N GLN A 437 -4.00 47.86 12.24
CA GLN A 437 -3.69 46.92 13.32
C GLN A 437 -3.45 45.50 12.80
N ILE A 438 -4.22 45.08 11.80
CA ILE A 438 -4.26 43.67 11.38
C ILE A 438 -3.17 43.31 10.39
N GLN A 439 -2.98 44.13 9.36
CA GLN A 439 -2.00 43.87 8.30
C GLN A 439 -0.61 43.47 8.82
N GLY A 440 -0.18 44.13 9.90
CA GLY A 440 1.09 43.82 10.52
C GLY A 440 1.21 42.34 10.88
N ALA A 441 0.16 41.81 11.50
CA ALA A 441 0.06 40.38 11.78
C ALA A 441 -0.09 39.55 10.51
N LEU A 442 -1.13 39.85 9.72
CA LEU A 442 -1.48 39.06 8.52
C LEU A 442 -0.30 38.46 7.76
N VAL A 443 0.73 39.26 7.51
CA VAL A 443 1.92 38.79 6.79
C VAL A 443 2.90 38.11 7.76
N GLY A 444 3.01 38.64 8.98
CA GLY A 444 3.78 38.03 10.04
C GLY A 444 3.39 36.59 10.36
N ILE A 445 2.11 36.35 10.65
CA ILE A 445 1.61 34.99 10.88
C ILE A 445 1.80 34.09 9.67
N ALA A 446 1.60 34.62 8.47
CA ALA A 446 1.77 33.85 7.23
C ALA A 446 3.17 33.22 7.14
N MET A 447 4.16 33.92 7.67
CA MET A 447 5.55 33.44 7.65
C MET A 447 5.82 32.36 8.71
N VAL A 448 5.31 32.55 9.92
CA VAL A 448 5.56 31.59 11.02
C VAL A 448 4.66 30.36 10.97
N LEU A 449 3.59 30.43 10.19
CA LEU A 449 2.76 29.26 9.90
C LEU A 449 3.50 28.38 8.89
N SER A 450 4.21 29.04 7.97
CA SER A 450 5.10 28.37 7.02
C SER A 450 6.45 28.00 7.65
N ALA A 451 6.71 28.50 8.87
CA ALA A 451 7.95 28.22 9.58
C ALA A 451 7.89 26.93 10.40
N VAL A 452 6.73 26.28 10.40
CA VAL A 452 6.60 24.95 11.03
C VAL A 452 6.04 23.88 10.08
N PHE A 453 5.29 24.32 9.06
CA PHE A 453 4.72 23.39 8.08
C PHE A 453 5.76 22.99 7.02
N VAL A 454 6.34 23.99 6.37
CA VAL A 454 7.27 23.77 5.26
C VAL A 454 8.62 23.13 5.64
N PRO A 455 9.22 23.52 6.76
CA PRO A 455 10.45 22.86 7.23
C PRO A 455 10.22 21.42 7.70
N MET A 456 9.05 21.15 8.27
CA MET A 456 8.64 19.79 8.61
C MET A 456 8.38 18.97 7.34
N ALA A 457 8.12 19.67 6.24
CA ALA A 457 7.94 19.06 4.93
C ALA A 457 9.26 18.81 4.19
N PHE A 458 10.34 18.56 4.93
CA PHE A 458 11.57 18.04 4.34
C PHE A 458 11.68 16.55 4.66
N PHE A 459 10.59 15.84 4.30
CA PHE A 459 10.48 14.38 4.23
C PHE A 459 11.75 13.54 4.06
N GLY A 460 11.62 12.25 4.34
CA GLY A 460 12.71 11.30 4.17
C GLY A 460 12.25 9.84 4.12
N GLY A 461 12.51 9.18 2.99
CA GLY A 461 12.27 7.76 2.85
C GLY A 461 10.86 7.39 2.42
N SER A 462 10.32 6.32 3.02
CA SER A 462 8.98 5.84 2.69
C SER A 462 7.90 6.82 3.13
N THR A 463 8.21 7.64 4.13
CA THR A 463 7.36 8.74 4.56
C THR A 463 7.76 10.01 3.78
N GLY A 464 7.87 9.86 2.47
CA GLY A 464 8.16 10.97 1.58
C GLY A 464 6.94 11.85 1.45
N ALA A 465 5.91 11.33 0.79
CA ALA A 465 4.67 12.08 0.54
C ALA A 465 3.66 12.00 1.70
N ILE A 466 4.13 11.64 2.90
CA ILE A 466 3.26 11.53 4.07
C ILE A 466 3.34 12.80 4.92
N TYR A 467 4.54 13.13 5.38
CA TYR A 467 4.77 14.38 6.10
C TYR A 467 4.98 15.56 5.14
N ARG A 468 5.15 15.25 3.85
CA ARG A 468 5.27 16.28 2.82
C ARG A 468 3.88 16.80 2.46
N GLN A 469 3.01 15.91 1.99
CA GLN A 469 1.69 16.29 1.51
C GLN A 469 0.78 16.86 2.61
N PHE A 470 1.01 16.46 3.86
CA PHE A 470 0.23 16.99 4.98
C PHE A 470 0.80 18.32 5.50
N SER A 471 1.80 18.85 4.79
CA SER A 471 2.21 20.24 4.91
C SER A 471 1.84 21.00 3.63
N ILE A 472 2.73 20.97 2.61
CA ILE A 472 2.56 21.75 1.36
C ILE A 472 1.11 21.92 0.86
N THR A 473 0.27 20.89 1.00
CA THR A 473 -1.15 21.00 0.64
C THR A 473 -1.85 22.11 1.44
N ILE A 474 -1.61 22.13 2.74
CA ILE A 474 -2.18 23.12 3.65
C ILE A 474 -1.35 24.43 3.68
N VAL A 475 -0.14 24.37 3.13
CA VAL A 475 0.71 25.57 2.98
C VAL A 475 0.20 26.43 1.83
N SER A 476 -0.33 25.77 0.80
CA SER A 476 -1.01 26.48 -0.29
C SER A 476 -2.32 27.04 0.22
N ALA A 477 -2.97 26.33 1.14
CA ALA A 477 -4.19 26.79 1.79
C ALA A 477 -3.93 27.96 2.75
N MET A 478 -2.71 28.06 3.28
CA MET A 478 -2.34 29.14 4.20
C MET A 478 -2.05 30.42 3.44
N ALA A 479 -1.33 30.29 2.33
CA ALA A 479 -0.91 31.44 1.52
C ALA A 479 -2.05 31.96 0.65
N LEU A 480 -3.05 31.12 0.41
CA LEU A 480 -4.25 31.52 -0.33
C LEU A 480 -5.30 32.08 0.60
N SER A 481 -5.20 31.78 1.89
CA SER A 481 -6.03 32.40 2.92
C SER A 481 -5.45 33.75 3.32
N VAL A 482 -4.15 33.92 3.09
CA VAL A 482 -3.46 35.19 3.30
C VAL A 482 -3.73 36.09 2.10
N LEU A 483 -3.90 35.48 0.92
CA LEU A 483 -4.27 36.20 -0.30
C LEU A 483 -5.76 36.56 -0.28
N VAL A 484 -6.56 35.77 0.45
CA VAL A 484 -7.99 36.01 0.58
C VAL A 484 -8.27 36.92 1.79
N ALA A 485 -7.27 37.12 2.64
CA ALA A 485 -7.39 38.04 3.79
C ALA A 485 -6.78 39.41 3.49
N LEU A 486 -5.91 39.48 2.47
CA LEU A 486 -5.32 40.75 2.00
C LEU A 486 -6.12 41.28 0.81
N ILE A 487 -6.75 40.38 0.07
CA ILE A 487 -7.63 40.72 -1.05
C ILE A 487 -9.00 40.10 -0.83
N LEU A 488 -10.05 40.80 -1.24
CA LEU A 488 -11.44 40.31 -1.21
C LEU A 488 -12.13 40.42 0.16
N THR A 489 -11.50 39.99 1.24
CA THR A 489 -12.08 40.15 2.58
C THR A 489 -12.11 41.63 3.02
N PRO A 490 -11.02 42.38 2.78
CA PRO A 490 -11.08 43.84 2.86
C PRO A 490 -12.12 44.47 1.93
N ALA A 491 -12.28 43.90 0.73
CA ALA A 491 -13.19 44.44 -0.28
C ALA A 491 -14.65 44.40 0.14
N LEU A 492 -15.14 43.21 0.53
CA LEU A 492 -16.54 43.01 0.87
C LEU A 492 -16.92 43.57 2.25
N CYS A 493 -15.91 43.79 3.10
CA CYS A 493 -16.15 44.41 4.41
C CYS A 493 -16.55 45.88 4.25
N ALA A 494 -15.91 46.57 3.31
CA ALA A 494 -16.19 47.97 3.02
C ALA A 494 -17.44 48.13 2.16
N THR A 495 -17.60 47.23 1.18
CA THR A 495 -18.71 47.26 0.23
C THR A 495 -20.08 47.13 0.92
N MET A 496 -20.17 46.18 1.85
CA MET A 496 -21.45 45.85 2.49
C MET A 496 -21.21 45.12 3.81
N LEU A 497 -21.71 45.70 4.90
CA LEU A 497 -21.58 45.08 6.22
C LEU A 497 -22.71 45.52 7.16
N LYS A 498 -22.88 46.83 7.33
CA LYS A 498 -23.97 47.39 8.12
C LYS A 498 -24.68 48.48 7.31
N PHE A 513 -31.06 40.37 22.93
CA PHE A 513 -31.19 39.17 23.75
C PHE A 513 -30.33 39.27 25.01
N GLY A 514 -30.45 38.25 25.86
CA GLY A 514 -29.59 38.11 27.03
C GLY A 514 -28.26 37.43 26.71
N TRP A 515 -28.05 37.08 25.44
CA TRP A 515 -26.79 36.49 25.00
C TRP A 515 -25.70 37.56 24.88
N PHE A 516 -26.09 38.75 24.44
CA PHE A 516 -25.17 39.89 24.38
C PHE A 516 -24.87 40.45 25.76
N ASN A 517 -25.88 40.48 26.62
CA ASN A 517 -25.72 40.94 28.00
C ASN A 517 -24.78 40.05 28.82
N ARG A 518 -24.74 38.77 28.47
CA ARG A 518 -23.85 37.81 29.12
C ARG A 518 -22.41 37.96 28.62
N MET A 519 -22.25 38.12 27.31
CA MET A 519 -20.92 38.23 26.70
C MET A 519 -20.18 39.49 27.16
N PHE A 520 -20.92 40.55 27.43
CA PHE A 520 -20.34 41.81 27.91
C PHE A 520 -20.04 41.76 29.41
N GLU A 521 -20.78 40.93 30.14
CA GLU A 521 -20.55 40.76 31.57
C GLU A 521 -19.27 39.95 31.84
N LYS A 522 -19.21 38.73 31.30
CA LYS A 522 -18.04 37.86 31.47
C LYS A 522 -16.75 38.49 30.97
N SER A 523 -16.80 39.12 29.80
CA SER A 523 -15.61 39.71 29.18
C SER A 523 -15.08 40.91 29.98
N THR A 524 -16.00 41.77 30.44
CA THR A 524 -15.61 43.03 31.07
C THR A 524 -15.41 42.96 32.58
N HIS A 525 -16.01 41.98 33.26
CA HIS A 525 -15.96 41.95 34.74
C HIS A 525 -14.64 41.38 35.28
N HIS A 526 -14.50 40.19 35.89
CA HIS A 526 -15.04 38.83 35.61
C HIS A 526 -13.91 38.09 34.92
N TYR A 527 -13.55 38.57 33.74
CA TYR A 527 -12.38 38.11 33.01
C TYR A 527 -11.28 39.15 33.15
N THR A 528 -11.60 40.39 32.75
CA THR A 528 -10.61 41.47 32.68
C THR A 528 -10.08 41.93 34.05
N ASP A 529 -10.87 41.74 35.11
CA ASP A 529 -10.45 42.08 36.47
C ASP A 529 -9.65 40.91 37.05
N SER A 530 -9.99 39.70 36.64
CA SER A 530 -9.20 38.51 36.98
C SER A 530 -7.92 38.42 36.14
N VAL A 531 -7.81 39.23 35.08
CA VAL A 531 -6.56 39.37 34.33
C VAL A 531 -5.65 40.33 35.09
N GLY A 532 -6.25 41.30 35.78
CA GLY A 532 -5.51 42.19 36.67
C GLY A 532 -4.97 41.47 37.89
N GLY A 533 -5.66 40.42 38.33
CA GLY A 533 -5.26 39.64 39.48
C GLY A 533 -4.06 38.75 39.19
N ILE A 534 -4.08 38.09 38.03
CA ILE A 534 -2.97 37.22 37.61
C ILE A 534 -1.70 38.01 37.29
N LEU A 535 -1.86 39.25 36.83
CA LEU A 535 -0.73 40.09 36.45
C LEU A 535 -0.01 40.68 37.67
N ARG A 536 -0.72 40.82 38.77
CA ARG A 536 -0.11 41.23 40.04
C ARG A 536 0.87 40.17 40.52
N SER A 537 0.42 38.92 40.51
CA SER A 537 1.29 37.77 40.77
C SER A 537 2.15 37.47 39.55
N THR A 538 3.10 36.55 39.70
CA THR A 538 4.00 36.18 38.60
C THR A 538 4.75 34.87 38.91
N GLY A 539 5.37 34.79 40.08
CA GLY A 539 6.17 33.64 40.47
C GLY A 539 5.39 32.34 40.63
N ARG A 540 4.11 32.43 40.99
CA ARG A 540 3.29 31.23 41.18
C ARG A 540 2.85 30.63 39.85
N TYR A 541 2.42 31.49 38.92
CA TYR A 541 1.92 31.04 37.61
C TYR A 541 3.05 30.67 36.64
N LEU A 542 4.28 31.06 36.96
CA LEU A 542 5.45 30.66 36.18
C LEU A 542 5.89 29.26 36.61
N VAL A 543 5.81 29.00 37.92
CA VAL A 543 6.08 27.67 38.48
C VAL A 543 4.99 26.68 38.07
N LEU A 544 3.81 27.19 37.73
CA LEU A 544 2.71 26.36 37.21
C LEU A 544 2.95 26.02 35.74
N TYR A 545 3.55 26.94 35.00
CA TYR A 545 3.94 26.70 33.60
C TYR A 545 5.03 25.64 33.52
N LEU A 546 5.92 25.63 34.52
CA LEU A 546 7.00 24.65 34.60
C LEU A 546 6.46 23.28 34.99
N ILE A 547 5.39 23.26 35.78
CA ILE A 547 4.74 22.00 36.17
C ILE A 547 3.96 21.40 35.00
N ILE A 548 3.55 22.24 34.05
CA ILE A 548 2.86 21.81 32.84
C ILE A 548 3.86 21.11 31.90
N VAL A 549 5.10 21.60 31.88
CA VAL A 549 6.16 21.02 31.05
C VAL A 549 6.66 19.68 31.60
N VAL A 550 6.55 19.49 32.92
CA VAL A 550 6.91 18.22 33.55
C VAL A 550 5.96 17.12 33.07
N GLY A 551 4.67 17.44 33.01
CA GLY A 551 3.65 16.52 32.54
C GLY A 551 3.60 16.39 31.01
N MET A 552 4.17 17.36 30.30
CA MET A 552 4.16 17.36 28.83
C MET A 552 5.20 16.36 28.29
N ALA A 553 6.33 16.25 28.99
CA ALA A 553 7.37 15.30 28.62
C ALA A 553 6.98 13.87 29.03
N TYR A 554 6.26 13.76 30.15
CA TYR A 554 5.81 12.46 30.66
C TYR A 554 4.70 11.84 29.79
N LEU A 555 3.84 12.69 29.22
CA LEU A 555 2.72 12.22 28.40
C LEU A 555 3.11 12.00 26.93
N PHE A 556 4.40 12.21 26.62
CA PHE A 556 4.91 12.10 25.24
C PHE A 556 5.75 10.83 25.08
N VAL A 557 6.65 10.58 26.04
CA VAL A 557 7.53 9.41 26.01
C VAL A 557 6.74 8.13 26.31
N ARG A 558 5.80 8.23 27.24
CA ARG A 558 4.95 7.08 27.60
C ARG A 558 3.90 6.81 26.51
N LEU A 559 3.52 7.85 25.77
CA LEU A 559 2.64 7.70 24.62
C LEU A 559 3.39 6.92 23.53
N PRO A 560 2.88 5.75 23.13
CA PRO A 560 3.59 4.87 22.19
C PRO A 560 3.59 5.40 20.75
N SER A 561 4.24 4.68 19.86
CA SER A 561 4.42 5.13 18.48
C SER A 561 3.95 4.11 17.44
N SER A 562 2.94 4.50 16.67
CA SER A 562 2.55 3.79 15.45
C SER A 562 2.91 4.68 14.25
N PHE A 563 2.62 4.20 13.05
CA PHE A 563 2.86 4.97 11.83
C PHE A 563 1.53 5.45 11.22
N LEU A 564 0.62 4.52 11.00
CA LEU A 564 -0.70 4.83 10.46
C LEU A 564 -1.72 3.79 10.93
N PRO A 565 -2.89 4.24 11.39
CA PRO A 565 -3.89 3.31 11.97
C PRO A 565 -4.43 2.31 10.96
N ASP A 566 -4.59 1.06 11.38
CA ASP A 566 -5.14 0.02 10.53
C ASP A 566 -6.66 0.15 10.48
N GLU A 567 -7.18 0.44 9.29
CA GLU A 567 -8.58 0.85 9.12
C GLU A 567 -9.48 -0.31 8.70
N ASP A 568 -10.79 -0.10 8.88
CA ASP A 568 -11.80 -0.97 8.30
C ASP A 568 -11.90 -0.64 6.81
N GLN A 569 -11.55 -1.60 5.97
CA GLN A 569 -11.55 -1.42 4.51
C GLN A 569 -12.73 -2.09 3.83
N GLY A 570 -13.49 -2.89 4.59
CA GLY A 570 -14.62 -3.64 4.05
C GLY A 570 -14.18 -4.87 3.27
N VAL A 571 -12.89 -5.21 3.37
CA VAL A 571 -12.29 -6.29 2.60
C VAL A 571 -11.01 -6.75 3.30
N PHE A 572 -10.97 -8.02 3.70
CA PHE A 572 -9.77 -8.62 4.29
C PHE A 572 -9.49 -10.01 3.71
N MET A 573 -8.54 -10.73 4.29
CA MET A 573 -8.21 -12.09 3.81
C MET A 573 -7.58 -12.96 4.90
N THR A 574 -7.47 -14.26 4.61
CA THR A 574 -6.96 -15.24 5.57
C THR A 574 -6.17 -16.35 4.87
N MET A 575 -4.88 -16.45 5.16
CA MET A 575 -3.98 -17.39 4.48
C MET A 575 -3.85 -18.73 5.21
N VAL A 576 -3.54 -19.77 4.45
CA VAL A 576 -3.42 -21.14 4.96
C VAL A 576 -1.99 -21.66 4.76
N GLN A 577 -1.58 -22.61 5.60
CA GLN A 577 -0.25 -23.22 5.51
C GLN A 577 -0.27 -24.62 6.12
N LEU A 578 0.00 -25.63 5.28
CA LEU A 578 -0.04 -27.03 5.70
C LEU A 578 1.37 -27.56 5.97
N PRO A 579 1.49 -28.65 6.75
CA PRO A 579 2.81 -29.19 7.12
C PRO A 579 3.57 -29.85 5.97
N ALA A 580 4.72 -30.44 6.28
CA ALA A 580 5.65 -30.99 5.30
C ALA A 580 5.00 -32.00 4.33
N GLY A 581 5.04 -31.68 3.04
CA GLY A 581 4.63 -32.60 1.99
C GLY A 581 3.14 -32.89 1.94
N ALA A 582 2.31 -31.88 2.20
CA ALA A 582 0.86 -32.02 2.09
C ALA A 582 0.42 -31.98 0.64
N THR A 583 -0.79 -32.49 0.37
CA THR A 583 -1.32 -32.60 -0.99
C THR A 583 -2.40 -31.55 -1.25
N GLN A 584 -2.91 -31.54 -2.48
CA GLN A 584 -3.99 -30.62 -2.88
C GLN A 584 -5.33 -31.01 -2.25
N GLU A 585 -5.53 -32.31 -2.03
CA GLU A 585 -6.77 -32.80 -1.43
C GLU A 585 -6.83 -32.55 0.08
N ARG A 586 -5.66 -32.54 0.72
CA ARG A 586 -5.56 -32.31 2.17
C ARG A 586 -5.87 -30.85 2.53
N THR A 587 -5.26 -29.93 1.79
CA THR A 587 -5.44 -28.49 2.05
C THR A 587 -6.83 -27.98 1.61
N GLN A 588 -7.50 -28.72 0.74
CA GLN A 588 -8.85 -28.37 0.30
C GLN A 588 -9.88 -28.58 1.42
N LYS A 589 -9.61 -29.54 2.30
CA LYS A 589 -10.44 -29.76 3.49
C LYS A 589 -10.34 -28.58 4.46
N VAL A 590 -9.16 -27.98 4.56
CA VAL A 590 -8.92 -26.82 5.42
C VAL A 590 -9.59 -25.56 4.87
N LEU A 591 -9.58 -25.42 3.55
CA LEU A 591 -10.18 -24.25 2.89
C LEU A 591 -11.71 -24.30 2.91
N ASN A 592 -12.27 -25.50 3.09
CA ASN A 592 -13.73 -25.67 3.21
C ASN A 592 -14.22 -25.26 4.59
N GLU A 593 -13.46 -25.62 5.63
CA GLU A 593 -13.81 -25.26 7.01
C GLU A 593 -13.70 -23.75 7.27
N VAL A 594 -12.78 -23.10 6.56
CA VAL A 594 -12.61 -21.64 6.63
C VAL A 594 -13.79 -20.94 5.96
N THR A 595 -14.28 -21.53 4.87
CA THR A 595 -15.42 -20.99 4.13
C THR A 595 -16.73 -21.12 4.91
N HIS A 596 -16.77 -22.05 5.86
CA HIS A 596 -17.96 -22.26 6.69
C HIS A 596 -18.10 -21.16 7.75
N TYR A 597 -17.00 -20.83 8.42
CA TYR A 597 -17.01 -19.79 9.46
C TYR A 597 -17.54 -18.46 8.91
N TYR A 598 -17.14 -18.12 7.69
CA TYR A 598 -17.53 -16.84 7.07
C TYR A 598 -18.93 -16.87 6.47
N LEU A 599 -19.42 -18.04 6.09
CA LEU A 599 -20.76 -18.17 5.52
C LEU A 599 -21.82 -18.46 6.58
N THR A 600 -21.84 -19.68 7.10
CA THR A 600 -22.88 -20.12 8.06
C THR A 600 -22.79 -19.44 9.43
N LYS A 601 -21.58 -19.19 9.93
CA LYS A 601 -21.39 -18.59 11.24
C LYS A 601 -21.20 -17.06 11.19
N GLU A 602 -21.30 -16.48 10.00
CA GLU A 602 -21.12 -15.04 9.83
C GLU A 602 -21.88 -14.54 8.60
N LYS A 603 -23.20 -14.74 8.61
CA LYS A 603 -24.06 -14.34 7.50
C LYS A 603 -24.24 -12.82 7.42
N ASN A 604 -24.30 -12.16 8.59
CA ASN A 604 -24.55 -10.72 8.66
C ASN A 604 -23.37 -9.87 8.19
N ASN A 605 -22.15 -10.32 8.44
CA ASN A 605 -20.95 -9.53 8.19
C ASN A 605 -20.32 -9.79 6.81
N VAL A 606 -20.42 -11.03 6.34
CA VAL A 606 -19.77 -11.43 5.08
C VAL A 606 -20.79 -11.51 3.95
N GLU A 607 -20.39 -11.04 2.77
CA GLU A 607 -21.23 -11.07 1.56
C GLU A 607 -20.81 -12.22 0.63
N SER A 608 -19.50 -12.37 0.42
CA SER A 608 -18.99 -13.39 -0.51
C SER A 608 -17.51 -13.74 -0.24
N VAL A 609 -17.19 -15.03 -0.35
CA VAL A 609 -15.83 -15.53 -0.20
C VAL A 609 -15.27 -15.96 -1.55
N PHE A 610 -13.96 -15.87 -1.71
CA PHE A 610 -13.28 -16.25 -2.95
C PHE A 610 -12.02 -17.06 -2.64
N ALA A 611 -12.21 -18.34 -2.36
CA ALA A 611 -11.10 -19.23 -2.00
C ALA A 611 -10.20 -19.51 -3.20
N VAL A 612 -8.97 -19.95 -2.92
CA VAL A 612 -7.97 -20.25 -3.94
C VAL A 612 -7.03 -21.33 -3.39
N ASN A 613 -7.19 -22.56 -3.87
CA ASN A 613 -6.42 -23.69 -3.37
C ASN A 613 -5.02 -23.77 -3.98
N GLY A 614 -3.99 -23.62 -3.15
CA GLY A 614 -2.61 -23.83 -3.56
C GLY A 614 -1.86 -22.57 -3.94
N PHE A 615 -2.15 -21.46 -3.27
CA PHE A 615 -1.50 -20.18 -3.56
C PHE A 615 -1.64 -19.23 -2.37
N GLY A 616 -0.59 -19.18 -1.55
CA GLY A 616 -0.49 -18.23 -0.45
C GLY A 616 0.42 -17.09 -0.85
N PHE A 617 0.45 -16.04 -0.02
CA PHE A 617 1.31 -14.89 -0.30
C PHE A 617 2.77 -15.15 0.09
N ALA A 618 3.03 -16.28 0.74
CA ALA A 618 4.40 -16.74 0.98
C ALA A 618 5.08 -17.02 -0.36
N GLY A 619 4.41 -17.79 -1.22
CA GLY A 619 4.93 -18.08 -2.54
C GLY A 619 3.99 -18.95 -3.37
N ARG A 620 4.29 -20.25 -3.43
CA ARG A 620 3.49 -21.20 -4.20
C ARG A 620 3.60 -22.62 -3.65
N GLY A 621 2.76 -23.52 -4.19
CA GLY A 621 2.74 -24.92 -3.79
C GLY A 621 1.36 -25.37 -3.37
N GLN A 622 1.17 -26.68 -3.32
CA GLN A 622 -0.11 -27.28 -2.94
C GLN A 622 -0.31 -27.43 -1.43
N ASN A 623 0.58 -26.82 -0.64
CA ASN A 623 0.43 -26.72 0.81
C ASN A 623 -0.38 -25.48 1.21
N THR A 624 -0.09 -24.36 0.54
CA THR A 624 -0.66 -23.06 0.91
C THR A 624 -2.11 -22.87 0.43
N GLY A 625 -2.70 -21.75 0.85
CA GLY A 625 -4.02 -21.34 0.41
C GLY A 625 -4.30 -19.87 0.69
N ILE A 626 -5.48 -19.40 0.29
CA ILE A 626 -5.90 -18.01 0.55
C ILE A 626 -7.39 -17.79 0.22
N ALA A 627 -8.07 -17.01 1.05
CA ALA A 627 -9.49 -16.71 0.86
C ALA A 627 -9.74 -15.19 0.91
N PHE A 628 -9.97 -14.59 -0.25
CA PHE A 628 -10.28 -13.17 -0.35
C PHE A 628 -11.70 -12.90 0.13
N VAL A 629 -11.83 -12.43 1.37
CA VAL A 629 -13.12 -12.06 1.93
C VAL A 629 -13.61 -10.74 1.34
N SER A 630 -14.92 -10.60 1.20
CA SER A 630 -15.55 -9.39 0.68
C SER A 630 -16.79 -9.09 1.52
N LEU A 631 -16.61 -8.29 2.57
CA LEU A 631 -17.67 -8.03 3.54
C LEU A 631 -18.81 -7.19 2.95
N LYS A 632 -19.99 -7.31 3.56
CA LYS A 632 -21.15 -6.46 3.26
C LYS A 632 -20.81 -4.99 3.48
N ASP A 633 -21.66 -4.11 2.95
CA ASP A 633 -21.46 -2.67 3.06
C ASP A 633 -21.48 -2.16 4.51
N TRP A 634 -21.03 -0.93 4.70
CA TRP A 634 -20.81 -0.35 6.04
C TRP A 634 -22.12 -0.15 6.81
N ALA A 635 -23.21 0.06 6.08
CA ALA A 635 -24.52 0.33 6.69
C ALA A 635 -25.08 -0.90 7.43
N ASP A 636 -24.91 -2.08 6.83
CA ASP A 636 -25.43 -3.32 7.41
C ASP A 636 -24.56 -3.88 8.55
N ARG A 637 -23.37 -3.31 8.73
CA ARG A 637 -22.48 -3.67 9.84
C ARG A 637 -22.37 -2.49 10.81
N PRO A 638 -23.22 -2.46 11.84
CA PRO A 638 -23.31 -1.29 12.73
C PRO A 638 -22.22 -1.23 13.81
N GLY A 639 -22.17 -2.24 14.69
CA GLY A 639 -21.33 -2.20 15.87
C GLY A 639 -19.87 -2.49 15.63
N GLU A 640 -19.10 -2.47 16.72
CA GLU A 640 -17.67 -2.80 16.69
C GLU A 640 -17.43 -4.30 16.52
N GLU A 641 -18.43 -5.10 16.87
CA GLU A 641 -18.38 -6.55 16.71
C GLU A 641 -18.42 -6.93 15.22
N ASN A 642 -19.16 -6.15 14.44
CA ASN A 642 -19.36 -6.41 13.01
C ASN A 642 -18.30 -5.74 12.12
N LYS A 643 -17.23 -5.21 12.73
CA LYS A 643 -16.15 -4.55 12.00
C LYS A 643 -14.89 -5.45 12.04
N VAL A 644 -14.02 -5.27 11.04
CA VAL A 644 -12.90 -6.18 10.77
C VAL A 644 -12.09 -6.63 12.01
N GLU A 645 -11.80 -5.70 12.92
CA GLU A 645 -10.98 -6.01 14.09
C GLU A 645 -11.53 -7.17 14.91
N ALA A 646 -12.83 -7.10 15.24
CA ALA A 646 -13.48 -8.14 16.04
C ALA A 646 -13.72 -9.44 15.27
N ILE A 647 -13.91 -9.34 13.95
CA ILE A 647 -14.19 -10.51 13.11
C ILE A 647 -13.00 -11.46 13.03
N THR A 648 -11.80 -10.91 12.87
CA THR A 648 -10.58 -11.70 12.74
C THR A 648 -9.98 -12.11 14.09
N MET A 649 -10.49 -11.54 15.18
CA MET A 649 -9.98 -11.82 16.52
C MET A 649 -10.43 -13.19 17.01
N ARG A 650 -11.70 -13.50 16.83
CA ARG A 650 -12.25 -14.81 17.19
C ARG A 650 -12.05 -15.85 16.07
N ALA A 651 -11.22 -15.52 15.09
CA ALA A 651 -10.79 -16.46 14.07
C ALA A 651 -9.45 -17.11 14.45
N THR A 652 -8.54 -16.33 15.01
CA THR A 652 -7.19 -16.82 15.34
C THR A 652 -7.18 -17.79 16.52
N ARG A 653 -7.30 -17.28 17.75
CA ARG A 653 -7.22 -18.11 18.95
C ARG A 653 -8.29 -19.21 19.02
N ALA A 654 -9.32 -19.08 18.17
CA ALA A 654 -10.29 -20.16 17.98
C ALA A 654 -9.67 -21.30 17.17
N PHE A 655 -9.32 -21.02 15.91
CA PHE A 655 -8.76 -22.04 15.01
C PHE A 655 -7.43 -22.57 15.54
N SER A 656 -6.47 -21.67 15.76
CA SER A 656 -5.27 -21.99 16.52
C SER A 656 -5.68 -22.64 17.84
N GLN A 657 -4.93 -23.67 18.26
CA GLN A 657 -5.29 -24.58 19.36
C GLN A 657 -6.06 -25.79 18.83
N ILE A 658 -7.23 -25.54 18.23
CA ILE A 658 -7.99 -26.62 17.59
C ILE A 658 -7.46 -26.88 16.17
N LYS A 659 -8.16 -27.71 15.39
CA LYS A 659 -7.75 -28.01 14.01
C LYS A 659 -6.36 -28.68 14.00
N ASP A 660 -5.72 -28.71 12.82
CA ASP A 660 -4.37 -29.28 12.70
C ASP A 660 -3.38 -28.36 11.98
N ALA A 661 -3.84 -27.66 10.94
CA ALA A 661 -2.99 -26.74 10.18
C ALA A 661 -2.93 -25.36 10.86
N MET A 662 -2.48 -24.35 10.10
CA MET A 662 -2.33 -22.99 10.63
C MET A 662 -3.03 -21.97 9.72
N VAL A 663 -4.13 -21.41 10.22
CA VAL A 663 -4.89 -20.36 9.52
C VAL A 663 -5.08 -19.17 10.46
N PHE A 664 -4.88 -17.95 9.93
CA PHE A 664 -4.84 -16.74 10.76
C PHE A 664 -6.05 -15.81 10.56
N ALA A 665 -6.08 -15.10 9.43
CA ALA A 665 -6.95 -13.95 9.18
C ALA A 665 -6.31 -12.67 9.73
N PHE A 666 -6.44 -11.58 8.98
CA PHE A 666 -5.79 -10.31 9.30
C PHE A 666 -6.36 -9.15 8.47
N ASN A 667 -6.43 -7.97 9.10
CA ASN A 667 -6.84 -6.76 8.40
C ASN A 667 -5.77 -6.33 7.39
N LEU A 668 -6.20 -5.71 6.30
CA LEU A 668 -5.28 -5.22 5.27
C LEU A 668 -4.57 -3.96 5.77
N PRO A 669 -3.24 -3.96 5.76
CA PRO A 669 -2.49 -2.73 6.06
C PRO A 669 -2.78 -1.65 5.02
N ALA A 670 -3.36 -0.54 5.47
CA ALA A 670 -3.54 0.63 4.60
C ALA A 670 -2.18 1.01 4.04
N ILE A 671 -1.32 1.55 4.93
CA ILE A 671 0.14 1.46 4.84
C ILE A 671 0.73 0.88 3.54
N VAL A 672 1.81 0.12 3.65
CA VAL A 672 2.33 -0.70 2.56
C VAL A 672 2.74 -2.06 3.15
N GLU A 673 3.68 -2.77 2.53
CA GLU A 673 4.26 -3.98 3.13
C GLU A 673 5.02 -3.65 4.41
N LEU A 674 5.72 -2.51 4.41
CA LEU A 674 6.47 -2.04 5.58
C LEU A 674 5.57 -1.23 6.53
N GLY A 675 6.17 -0.76 7.62
CA GLY A 675 5.54 0.20 8.50
C GLY A 675 4.55 -0.39 9.49
N THR A 676 4.92 -1.52 10.09
CA THR A 676 4.12 -2.11 11.16
C THR A 676 4.29 -1.32 12.46
N ALA A 677 5.52 -0.85 12.70
CA ALA A 677 5.89 -0.13 13.93
C ALA A 677 5.95 -1.09 15.12
N THR A 678 6.99 -0.95 15.95
CA THR A 678 7.32 -1.91 17.00
C THR A 678 7.45 -3.31 16.41
N GLY A 679 8.25 -3.43 15.35
CA GLY A 679 8.44 -4.67 14.63
C GLY A 679 9.49 -4.55 13.53
N PHE A 680 10.36 -5.55 13.43
CA PHE A 680 11.49 -5.51 12.51
C PHE A 680 11.46 -6.65 11.49
N ASP A 681 12.39 -6.60 10.54
CA ASP A 681 12.61 -7.67 9.57
C ASP A 681 14.11 -7.92 9.40
N PHE A 682 14.60 -8.97 10.05
CA PHE A 682 16.00 -9.36 10.02
C PHE A 682 16.28 -10.36 8.90
N GLU A 683 17.55 -10.56 8.58
CA GLU A 683 17.98 -11.65 7.69
C GLU A 683 19.45 -12.01 7.93
N LEU A 684 19.77 -13.29 7.83
CA LEU A 684 21.11 -13.81 8.11
C LEU A 684 21.76 -14.29 6.81
N ILE A 685 23.02 -13.90 6.60
CA ILE A 685 23.73 -14.18 5.35
C ILE A 685 24.79 -15.27 5.54
N ASP A 686 25.04 -16.03 4.47
CA ASP A 686 26.19 -16.92 4.39
C ASP A 686 27.26 -16.20 3.58
N GLN A 687 28.25 -15.65 4.29
CA GLN A 687 29.29 -14.82 3.68
C GLN A 687 30.58 -15.60 3.38
N ALA A 688 30.53 -16.92 3.53
CA ALA A 688 31.69 -17.79 3.27
C ALA A 688 31.29 -19.02 2.45
N GLY A 689 32.17 -20.03 2.43
CA GLY A 689 31.97 -21.20 1.58
C GLY A 689 31.11 -22.32 2.14
N LEU A 690 30.44 -22.09 3.26
CA LEU A 690 29.52 -23.09 3.83
C LEU A 690 28.21 -23.14 3.04
N GLY A 691 27.57 -24.31 3.04
CA GLY A 691 26.38 -24.56 2.24
C GLY A 691 25.08 -24.21 2.92
N HIS A 692 23.99 -24.76 2.39
CA HIS A 692 22.64 -24.53 2.92
C HIS A 692 22.41 -25.34 4.21
N GLU A 693 22.97 -26.54 4.27
CA GLU A 693 22.83 -27.40 5.45
C GLU A 693 23.46 -26.78 6.71
N LYS A 694 24.56 -26.06 6.53
CA LYS A 694 25.24 -25.39 7.64
C LYS A 694 24.60 -24.03 7.98
N LEU A 695 23.90 -23.44 7.02
CA LEU A 695 23.14 -22.21 7.24
C LEU A 695 21.88 -22.48 8.06
N THR A 696 21.36 -23.71 7.97
CA THR A 696 20.18 -24.13 8.71
C THR A 696 20.47 -24.23 10.21
N GLN A 697 21.67 -24.70 10.54
CA GLN A 697 22.11 -24.83 11.93
C GLN A 697 22.34 -23.48 12.60
N ALA A 698 22.91 -22.54 11.84
CA ALA A 698 23.17 -21.19 12.35
C ALA A 698 21.87 -20.38 12.53
N ARG A 699 20.88 -20.67 11.70
CA ARG A 699 19.57 -20.01 11.76
C ARG A 699 18.78 -20.51 12.97
N ASN A 700 18.95 -21.80 13.30
CA ASN A 700 18.29 -22.40 14.47
C ASN A 700 18.93 -21.94 15.79
N GLN A 701 20.18 -21.50 15.72
CA GLN A 701 20.90 -21.00 16.90
C GLN A 701 20.58 -19.52 17.17
N LEU A 702 20.16 -18.80 16.12
CA LEU A 702 19.75 -17.41 16.26
C LEU A 702 18.31 -17.31 16.79
N LEU A 703 17.46 -18.22 16.33
CA LEU A 703 16.07 -18.30 16.79
C LEU A 703 15.99 -18.82 18.23
N ALA A 704 16.95 -19.67 18.60
CA ALA A 704 16.98 -20.28 19.92
C ALA A 704 17.37 -19.25 20.99
N GLU A 705 18.51 -18.59 20.77
CA GLU A 705 19.06 -17.64 21.74
C GLU A 705 18.21 -16.37 21.89
N ALA A 706 17.40 -16.07 20.87
CA ALA A 706 16.49 -14.92 20.92
C ALA A 706 15.37 -15.14 21.93
N ALA A 707 14.76 -16.32 21.88
CA ALA A 707 13.68 -16.68 22.82
C ALA A 707 14.21 -17.45 24.05
N LYS A 708 15.53 -17.54 24.17
CA LYS A 708 16.17 -18.19 25.32
C LYS A 708 16.20 -17.22 26.51
N HIS A 709 16.50 -15.95 26.22
CA HIS A 709 16.47 -14.90 27.24
C HIS A 709 15.67 -13.68 26.78
N PRO A 710 14.34 -13.74 26.89
CA PRO A 710 13.49 -12.56 26.87
C PRO A 710 12.94 -12.23 28.28
N ASP A 711 13.30 -11.12 28.94
CA ASP A 711 14.22 -10.06 28.48
C ASP A 711 13.77 -8.68 27.99
N MET A 712 12.56 -8.27 28.38
CA MET A 712 11.83 -7.25 27.64
C MET A 712 11.73 -7.82 26.22
N LEU A 713 10.77 -8.74 26.06
CA LEU A 713 10.79 -9.82 25.08
C LEU A 713 11.13 -9.50 23.62
N THR A 714 11.29 -10.55 22.82
CA THR A 714 11.47 -10.42 21.38
C THR A 714 10.84 -11.63 20.69
N SER A 715 9.71 -11.41 20.02
CA SER A 715 8.98 -12.50 19.36
C SER A 715 9.56 -12.76 17.98
N VAL A 716 9.93 -14.02 17.71
CA VAL A 716 10.69 -14.36 16.51
C VAL A 716 10.35 -15.74 15.93
N ARG A 717 10.07 -15.76 14.62
CA ARG A 717 9.88 -17.01 13.86
C ARG A 717 10.48 -16.88 12.46
N PRO A 718 10.80 -18.00 11.82
CA PRO A 718 11.29 -17.99 10.43
C PRO A 718 10.19 -17.66 9.43
N ASN A 719 10.59 -17.32 8.20
CA ASN A 719 9.64 -16.91 7.16
C ASN A 719 8.92 -18.10 6.54
N GLY A 720 9.68 -19.14 6.22
CA GLY A 720 9.10 -20.36 5.64
C GLY A 720 10.12 -21.27 4.98
N LEU A 721 11.05 -21.79 5.77
CA LEU A 721 12.02 -22.78 5.31
C LEU A 721 11.77 -24.14 5.97
N GLU A 722 10.49 -24.43 6.25
CA GLU A 722 10.05 -25.66 6.94
C GLU A 722 10.96 -26.88 6.78
N ASP A 723 11.39 -27.15 5.54
CA ASP A 723 12.30 -28.25 5.22
C ASP A 723 11.56 -29.59 5.15
N THR A 724 11.40 -30.11 3.94
CA THR A 724 10.71 -31.37 3.68
C THR A 724 11.60 -32.30 2.82
N PRO A 725 11.33 -33.61 2.85
CA PRO A 725 12.19 -34.58 2.16
C PRO A 725 11.97 -34.62 0.65
N GLN A 726 13.00 -35.03 -0.10
CA GLN A 726 12.95 -35.10 -1.56
C GLN A 726 13.43 -36.46 -2.06
N PHE A 727 12.78 -36.98 -3.09
CA PHE A 727 13.10 -38.30 -3.64
C PHE A 727 14.25 -38.21 -4.66
N LYS A 728 15.44 -38.62 -4.22
CA LYS A 728 16.62 -38.64 -5.09
C LYS A 728 16.69 -39.94 -5.88
N ILE A 729 17.13 -39.84 -7.14
CA ILE A 729 17.31 -41.00 -8.01
C ILE A 729 18.72 -40.98 -8.61
N ASP A 730 19.59 -41.86 -8.11
CA ASP A 730 20.96 -41.97 -8.59
C ASP A 730 21.03 -42.89 -9.82
N ILE A 731 21.31 -42.30 -10.97
CA ILE A 731 21.49 -43.07 -12.21
C ILE A 731 22.96 -43.40 -12.42
N ASP A 732 23.30 -44.67 -12.24
CA ASP A 732 24.67 -45.14 -12.46
C ASP A 732 25.00 -45.12 -13.94
N GLN A 733 26.05 -44.40 -14.31
CA GLN A 733 26.40 -44.18 -15.71
C GLN A 733 27.02 -45.40 -16.39
N GLU A 734 27.67 -46.26 -15.61
CA GLU A 734 28.31 -47.46 -16.15
C GLU A 734 27.29 -48.57 -16.43
N LYS A 735 26.26 -48.66 -15.59
CA LYS A 735 25.18 -49.62 -15.80
C LYS A 735 24.32 -49.26 -17.01
N ALA A 736 24.16 -47.97 -17.27
CA ALA A 736 23.33 -47.49 -18.38
C ALA A 736 23.94 -47.85 -19.73
N GLN A 737 25.18 -47.42 -19.96
CA GLN A 737 25.86 -47.63 -21.24
C GLN A 737 26.17 -49.09 -21.55
N ALA A 738 26.20 -49.94 -20.51
CA ALA A 738 26.46 -51.37 -20.68
C ALA A 738 25.36 -52.08 -21.47
N LEU A 739 24.11 -51.82 -21.10
CA LEU A 739 22.96 -52.45 -21.76
C LEU A 739 22.65 -51.76 -23.09
N GLY A 740 23.07 -50.49 -23.22
CA GLY A 740 22.97 -49.76 -24.46
C GLY A 740 21.89 -48.70 -24.51
N VAL A 741 21.67 -47.99 -23.40
CA VAL A 741 20.70 -46.89 -23.35
C VAL A 741 21.43 -45.55 -23.29
N SER A 742 20.97 -44.59 -24.09
CA SER A 742 21.55 -43.25 -24.10
C SER A 742 21.08 -42.50 -22.85
N ILE A 743 21.97 -41.67 -22.30
CA ILE A 743 21.65 -40.88 -21.11
C ILE A 743 20.71 -39.73 -21.46
N ASN A 744 20.71 -39.32 -22.73
CA ASN A 744 19.75 -38.33 -23.23
C ASN A 744 18.31 -38.84 -23.14
N ASP A 745 18.09 -40.08 -23.61
CA ASP A 745 16.76 -40.68 -23.61
C ASP A 745 16.19 -40.86 -22.20
N ILE A 746 17.05 -41.19 -21.24
CA ILE A 746 16.63 -41.44 -19.86
C ILE A 746 16.20 -40.15 -19.15
N ASN A 747 16.85 -39.04 -19.48
CA ASN A 747 16.58 -37.76 -18.82
C ASN A 747 15.27 -37.10 -19.26
N THR A 748 14.85 -37.35 -20.51
CA THR A 748 13.58 -36.82 -21.02
C THR A 748 12.45 -37.85 -20.93
N THR A 749 12.74 -39.02 -20.36
CA THR A 749 11.71 -39.99 -19.99
C THR A 749 11.16 -39.61 -18.61
N LEU A 750 12.08 -39.36 -17.68
CA LEU A 750 11.74 -38.93 -16.32
C LEU A 750 11.25 -37.48 -16.30
N GLY A 751 11.77 -36.67 -17.22
CA GLY A 751 11.46 -35.25 -17.28
C GLY A 751 10.13 -34.93 -17.93
N ALA A 752 9.81 -35.65 -19.01
CA ALA A 752 8.58 -35.41 -19.77
C ALA A 752 7.43 -36.34 -19.35
N ALA A 753 7.53 -36.93 -18.16
CA ALA A 753 6.49 -37.81 -17.63
C ALA A 753 6.02 -37.33 -16.26
N TRP A 754 6.96 -37.14 -15.34
CA TRP A 754 6.67 -36.76 -13.96
C TRP A 754 6.52 -35.25 -13.83
N GLY A 755 7.41 -34.49 -14.47
CA GLY A 755 7.42 -33.04 -14.38
C GLY A 755 6.69 -32.33 -15.51
N GLY A 756 6.63 -32.97 -16.69
CA GLY A 756 6.04 -32.37 -17.86
C GLY A 756 7.07 -31.76 -18.79
N SER A 757 6.69 -31.58 -20.06
CA SER A 757 7.59 -31.04 -21.07
C SER A 757 6.86 -30.22 -22.14
N TYR A 758 7.36 -29.02 -22.39
CA TYR A 758 6.83 -28.14 -23.42
C TYR A 758 7.30 -28.62 -24.79
N VAL A 759 6.40 -29.23 -25.56
CA VAL A 759 6.73 -29.83 -26.85
C VAL A 759 6.60 -28.84 -28.01
N ASN A 760 5.36 -28.41 -28.28
CA ASN A 760 5.07 -27.56 -29.43
C ASN A 760 3.83 -26.67 -29.21
N ASP A 761 3.53 -25.83 -30.19
CA ASP A 761 2.34 -24.98 -30.16
C ASP A 761 1.33 -25.44 -31.21
N PHE A 762 0.04 -25.30 -30.87
CA PHE A 762 -1.06 -25.62 -31.77
C PHE A 762 -2.10 -24.48 -31.77
N ILE A 763 -3.22 -24.69 -32.46
CA ILE A 763 -4.28 -23.69 -32.52
C ILE A 763 -5.60 -24.29 -32.05
N ASP A 764 -6.26 -23.61 -31.11
CA ASP A 764 -7.59 -24.02 -30.61
C ASP A 764 -8.59 -22.88 -30.76
N ARG A 765 -9.50 -23.02 -31.72
CA ARG A 765 -10.62 -22.09 -31.90
C ARG A 765 -10.18 -20.67 -32.24
N GLY A 766 -9.17 -20.56 -33.11
CA GLY A 766 -8.68 -19.26 -33.57
C GLY A 766 -7.37 -18.84 -32.92
N ARG A 767 -7.31 -18.94 -31.60
CA ARG A 767 -6.12 -18.53 -30.84
C ARG A 767 -5.03 -19.59 -30.94
N VAL A 768 -3.88 -19.32 -30.30
CA VAL A 768 -2.76 -20.26 -30.26
C VAL A 768 -2.37 -20.53 -28.81
N LYS A 769 -2.38 -21.81 -28.43
CA LYS A 769 -2.06 -22.24 -27.05
C LYS A 769 -0.89 -23.22 -27.06
N LYS A 770 -0.68 -23.92 -25.95
CA LYS A 770 0.47 -24.81 -25.78
C LYS A 770 0.07 -26.29 -25.85
N VAL A 771 1.08 -27.16 -25.95
CA VAL A 771 0.89 -28.61 -25.99
C VAL A 771 1.86 -29.26 -25.00
N TYR A 772 1.31 -29.97 -24.01
CA TYR A 772 2.12 -30.59 -22.97
C TYR A 772 2.03 -32.12 -23.01
N VAL A 773 3.00 -32.77 -22.38
CA VAL A 773 3.09 -34.23 -22.34
C VAL A 773 3.57 -34.69 -20.96
N MET A 774 2.87 -35.66 -20.37
CA MET A 774 3.19 -36.15 -19.02
C MET A 774 2.83 -37.64 -18.86
N SER A 775 1.63 -37.91 -18.34
CA SER A 775 1.23 -39.28 -17.94
C SER A 775 -0.05 -39.27 -17.13
N GLU A 776 -0.84 -40.34 -17.24
CA GLU A 776 -2.03 -40.51 -16.42
C GLU A 776 -1.66 -40.44 -14.95
N ALA A 777 -2.58 -39.94 -14.13
CA ALA A 777 -2.29 -39.61 -12.73
C ALA A 777 -1.73 -40.78 -11.92
N LYS A 778 -2.31 -41.97 -12.09
CA LYS A 778 -1.99 -43.13 -11.25
C LYS A 778 -0.57 -43.70 -11.44
N TYR A 779 0.06 -43.42 -12.58
CA TYR A 779 1.40 -43.95 -12.89
C TYR A 779 2.55 -43.04 -12.44
N ARG A 780 2.27 -42.09 -11.55
CA ARG A 780 3.31 -41.18 -11.05
C ARG A 780 2.93 -40.55 -9.70
N MET A 781 2.44 -41.38 -8.78
CA MET A 781 2.08 -40.94 -7.44
C MET A 781 3.08 -41.44 -6.39
N LEU A 782 3.45 -42.72 -6.50
CA LEU A 782 4.26 -43.39 -5.49
C LEU A 782 5.68 -43.67 -6.01
N PRO A 783 6.63 -43.93 -5.10
CA PRO A 783 8.01 -44.25 -5.50
C PRO A 783 8.18 -45.63 -6.15
N ASP A 784 7.19 -46.51 -6.01
CA ASP A 784 7.27 -47.85 -6.62
C ASP A 784 6.87 -47.86 -8.10
N ASP A 785 6.28 -46.76 -8.57
CA ASP A 785 5.82 -46.65 -9.96
C ASP A 785 6.88 -46.17 -10.94
N ILE A 786 8.12 -46.00 -10.48
CA ILE A 786 9.24 -45.62 -11.35
C ILE A 786 9.64 -46.77 -12.26
N GLY A 787 9.55 -48.00 -11.75
CA GLY A 787 9.88 -49.18 -12.51
C GLY A 787 8.90 -49.54 -13.62
N ASP A 788 7.73 -48.89 -13.62
CA ASP A 788 6.71 -49.13 -14.65
C ASP A 788 7.11 -48.57 -16.01
N TRP A 789 8.02 -47.60 -16.03
CA TRP A 789 8.53 -47.01 -17.26
C TRP A 789 9.68 -47.85 -17.82
N TYR A 790 9.68 -48.09 -19.13
CA TYR A 790 10.72 -48.86 -19.79
C TYR A 790 11.33 -48.07 -20.96
N VAL A 791 12.60 -47.72 -20.85
CA VAL A 791 13.33 -47.04 -21.91
C VAL A 791 13.95 -48.05 -22.89
N ARG A 792 13.87 -47.75 -24.18
CA ARG A 792 14.38 -48.64 -25.23
C ARG A 792 15.89 -48.47 -25.39
N ALA A 793 16.58 -49.58 -25.64
CA ALA A 793 18.02 -49.58 -25.90
C ALA A 793 18.30 -49.75 -27.39
N ALA A 794 19.55 -49.49 -27.79
CA ALA A 794 19.99 -49.58 -29.18
C ALA A 794 19.78 -50.96 -29.80
N ASP A 795 19.76 -52.01 -28.98
CA ASP A 795 19.55 -53.38 -29.46
C ASP A 795 18.07 -53.82 -29.37
N GLY A 796 17.18 -52.92 -29.79
CA GLY A 796 15.75 -53.19 -29.92
C GLY A 796 15.11 -54.08 -28.88
N GLN A 797 15.23 -53.71 -27.61
CA GLN A 797 14.54 -54.41 -26.52
C GLN A 797 14.38 -53.52 -25.27
N MET A 798 13.31 -53.75 -24.53
CA MET A 798 12.94 -52.90 -23.40
C MET A 798 13.86 -53.08 -22.20
N VAL A 799 13.96 -52.02 -21.39
CA VAL A 799 14.80 -52.00 -20.19
C VAL A 799 14.09 -51.20 -19.09
N PRO A 800 13.85 -51.81 -17.93
CA PRO A 800 13.15 -51.11 -16.84
C PRO A 800 14.02 -50.06 -16.15
N PHE A 801 13.38 -49.13 -15.45
CA PHE A 801 14.08 -48.08 -14.72
C PHE A 801 14.84 -48.65 -13.52
N SER A 802 14.28 -49.68 -12.90
CA SER A 802 14.88 -50.32 -11.71
C SER A 802 16.26 -50.94 -11.97
N ALA A 803 16.57 -51.23 -13.24
CA ALA A 803 17.85 -51.82 -13.61
C ALA A 803 19.04 -50.92 -13.29
N PHE A 804 19.00 -49.68 -13.81
CA PHE A 804 20.11 -48.75 -13.67
C PHE A 804 19.95 -47.73 -12.53
N SER A 805 18.74 -47.65 -11.96
CA SER A 805 18.44 -46.63 -10.95
C SER A 805 18.67 -47.13 -9.53
N SER A 806 18.58 -46.20 -8.57
CA SER A 806 18.73 -46.52 -7.15
C SER A 806 17.87 -45.58 -6.32
N SER A 807 16.78 -46.11 -5.77
CA SER A 807 15.81 -45.30 -5.03
C SER A 807 16.26 -45.09 -3.57
N ARG A 808 16.22 -43.84 -3.13
CA ARG A 808 16.62 -43.48 -1.76
C ARG A 808 16.16 -42.07 -1.39
N TRP A 809 15.60 -41.93 -0.19
CA TRP A 809 15.09 -40.65 0.29
C TRP A 809 16.22 -39.75 0.79
N GLU A 810 15.91 -38.45 0.91
CA GLU A 810 16.88 -37.44 1.36
C GLU A 810 16.18 -36.31 2.12
N TYR A 811 16.95 -35.30 2.52
CA TYR A 811 16.42 -34.11 3.17
C TYR A 811 16.92 -32.84 2.49
N GLY A 812 16.03 -32.18 1.75
CA GLY A 812 16.32 -30.89 1.13
C GLY A 812 15.37 -29.83 1.64
N SER A 813 15.34 -28.68 0.98
CA SER A 813 14.44 -27.59 1.31
C SER A 813 13.63 -27.18 0.08
N PRO A 814 12.32 -26.93 0.25
CA PRO A 814 11.45 -26.55 -0.87
C PRO A 814 11.52 -25.07 -1.23
N ARG A 815 12.39 -24.30 -0.60
CA ARG A 815 12.53 -22.88 -0.89
C ARG A 815 13.90 -22.35 -0.43
N LEU A 816 14.81 -22.15 -1.39
CA LEU A 816 16.14 -21.62 -1.12
C LEU A 816 16.19 -20.12 -1.42
N GLU A 817 16.08 -19.30 -0.38
CA GLU A 817 16.17 -17.85 -0.53
C GLU A 817 17.61 -17.40 -0.68
N ARG A 818 17.85 -16.36 -1.48
CA ARG A 818 19.18 -15.78 -1.65
C ARG A 818 19.12 -14.24 -1.71
N TYR A 819 19.88 -13.59 -0.84
CA TYR A 819 19.95 -12.13 -0.77
C TYR A 819 21.28 -11.59 -1.28
N ASN A 820 21.24 -10.85 -2.39
CA ASN A 820 22.39 -10.10 -2.92
C ASN A 820 23.53 -11.00 -3.40
N GLY A 821 23.20 -11.94 -4.27
CA GLY A 821 24.18 -12.83 -4.87
C GLY A 821 24.71 -13.91 -3.95
N LEU A 822 24.15 -14.01 -2.74
CA LEU A 822 24.56 -15.01 -1.75
C LEU A 822 23.32 -15.66 -1.12
N PRO A 823 23.44 -16.91 -0.67
CA PRO A 823 22.31 -17.59 0.01
C PRO A 823 21.96 -16.94 1.36
N SER A 824 20.72 -17.10 1.79
CA SER A 824 20.21 -16.45 3.01
C SER A 824 18.97 -17.14 3.57
N MET A 825 18.57 -16.70 4.77
CA MET A 825 17.38 -17.22 5.44
C MET A 825 16.66 -16.08 6.17
N GLU A 826 15.45 -15.75 5.73
CA GLU A 826 14.69 -14.62 6.28
C GLU A 826 14.14 -14.92 7.66
N ILE A 827 14.24 -13.95 8.56
CA ILE A 827 13.68 -14.02 9.91
C ILE A 827 12.68 -12.89 10.09
N LEU A 828 11.40 -13.22 10.26
CA LEU A 828 10.36 -12.24 10.54
C LEU A 828 10.11 -12.14 12.05
N GLY A 829 10.85 -11.25 12.71
CA GLY A 829 10.73 -11.04 14.15
C GLY A 829 9.86 -9.84 14.50
N GLN A 830 9.99 -9.37 15.73
CA GLN A 830 9.18 -8.26 16.23
C GLN A 830 9.68 -7.70 17.57
N ALA A 831 9.17 -6.52 17.93
CA ALA A 831 9.49 -5.89 19.19
C ALA A 831 8.55 -6.38 20.29
N ALA A 832 8.93 -6.13 21.54
CA ALA A 832 8.11 -6.49 22.69
C ALA A 832 6.99 -5.46 22.90
N PRO A 833 6.03 -5.76 23.76
CA PRO A 833 5.10 -4.72 24.26
C PRO A 833 5.83 -3.62 25.04
N GLY A 834 6.99 -3.93 25.63
CA GLY A 834 7.81 -2.95 26.31
C GLY A 834 8.73 -2.19 25.36
N LYS A 835 9.68 -2.91 24.74
CA LYS A 835 10.61 -2.33 23.79
C LYS A 835 9.92 -1.88 22.50
N SER A 836 10.64 -1.19 21.62
CA SER A 836 10.07 -0.71 20.37
C SER A 836 11.13 -0.38 19.30
N THR A 837 11.34 -1.32 18.38
CA THR A 837 12.16 -1.13 17.18
C THR A 837 13.65 -0.92 17.46
N GLY A 838 14.06 0.30 17.78
CA GLY A 838 15.47 0.63 17.98
C GLY A 838 16.20 -0.25 18.96
N GLU A 839 15.53 -0.60 20.07
CA GLU A 839 16.13 -1.45 21.10
C GLU A 839 16.17 -2.92 20.67
N ALA A 840 15.12 -3.38 20.01
CA ALA A 840 15.02 -4.77 19.57
C ALA A 840 16.03 -5.13 18.47
N MET A 841 16.41 -4.13 17.66
CA MET A 841 17.31 -4.35 16.53
C MET A 841 18.76 -4.44 16.97
N GLU A 842 19.15 -3.60 17.93
CA GLU A 842 20.52 -3.59 18.44
C GLU A 842 20.80 -4.73 19.42
N LEU A 843 19.74 -5.33 19.95
CA LEU A 843 19.85 -6.51 20.81
C LEU A 843 19.57 -7.80 20.03
N MET A 844 19.48 -7.67 18.70
CA MET A 844 19.50 -8.82 17.78
C MET A 844 20.80 -8.85 16.97
N GLU A 845 21.57 -7.76 17.01
CA GLU A 845 22.85 -7.66 16.28
C GLU A 845 23.99 -8.31 17.06
N GLN A 846 23.95 -8.22 18.40
CA GLN A 846 24.97 -8.87 19.23
C GLN A 846 24.71 -10.37 19.40
N LEU A 847 23.49 -10.81 19.04
CA LEU A 847 23.17 -12.24 18.95
C LEU A 847 23.57 -12.78 17.57
N ALA A 848 23.56 -11.89 16.58
CA ALA A 848 23.94 -12.25 15.20
C ALA A 848 25.45 -12.37 15.03
N SER A 849 26.21 -11.75 15.94
CA SER A 849 27.68 -11.80 15.90
C SER A 849 28.25 -12.81 16.91
N LYS A 850 27.38 -13.62 17.52
CA LYS A 850 27.77 -14.64 18.49
C LYS A 850 27.71 -16.04 17.89
N LEU A 851 27.61 -16.12 16.56
CA LEU A 851 27.46 -17.38 15.84
C LEU A 851 28.77 -17.76 15.14
N PRO A 852 28.88 -18.99 14.63
CA PRO A 852 30.12 -19.46 13.99
C PRO A 852 30.63 -18.62 12.82
N THR A 853 31.83 -18.95 12.34
CA THR A 853 32.50 -18.19 11.28
C THR A 853 31.80 -18.36 9.94
N GLY A 854 31.90 -17.33 9.09
CA GLY A 854 31.26 -17.33 7.79
C GLY A 854 29.76 -17.10 7.87
N VAL A 855 29.33 -16.38 8.90
CA VAL A 855 27.92 -16.04 9.09
C VAL A 855 27.83 -14.61 9.61
N GLY A 856 27.35 -13.70 8.74
CA GLY A 856 27.15 -12.31 9.10
C GLY A 856 25.66 -11.97 9.08
N TYR A 857 25.35 -10.73 8.72
CA TYR A 857 23.95 -10.30 8.61
C TYR A 857 23.76 -9.02 7.79
N ASP A 858 22.54 -8.86 7.27
CA ASP A 858 22.14 -7.67 6.54
C ASP A 858 20.62 -7.49 6.67
N TRP A 859 20.19 -6.31 7.10
CA TRP A 859 18.78 -6.08 7.42
C TRP A 859 17.88 -6.09 6.18
N THR A 860 17.21 -7.22 5.97
CA THR A 860 16.30 -7.42 4.84
C THR A 860 14.87 -7.64 5.36
N GLY A 861 13.88 -6.96 4.76
CA GLY A 861 14.12 -6.05 3.66
C GLY A 861 12.91 -5.30 3.16
N MET A 862 12.27 -4.56 4.06
CA MET A 862 11.59 -3.33 3.72
C MET A 862 11.85 -2.05 4.45
N SER A 863 12.75 -2.22 5.42
CA SER A 863 12.87 -1.39 6.62
C SER A 863 14.35 -1.15 6.86
N TYR A 864 14.83 0.07 6.65
CA TYR A 864 13.97 1.23 6.38
C TYR A 864 14.76 2.24 5.55
N GLN A 865 14.80 3.49 6.00
CA GLN A 865 15.86 4.44 5.66
C GLN A 865 15.57 5.72 6.43
N GLU A 866 15.90 5.68 7.73
CA GLU A 866 15.61 6.76 8.67
C GLU A 866 14.12 6.84 8.98
N ARG A 867 13.72 6.33 10.14
CA ARG A 867 12.31 6.27 10.53
C ARG A 867 11.76 7.64 10.96
N LEU A 868 10.56 7.65 11.54
CA LEU A 868 9.72 8.85 11.57
C LEU A 868 9.53 9.34 13.00
N SER A 869 9.03 8.47 13.87
CA SER A 869 9.02 8.73 15.31
C SER A 869 10.42 8.38 15.82
N GLY A 870 11.30 9.37 15.81
CA GLY A 870 12.73 9.16 15.96
C GLY A 870 13.48 9.87 14.85
N ASN A 871 14.80 9.74 14.83
CA ASN A 871 15.69 10.39 13.84
C ASN A 871 15.10 11.60 13.07
N GLN A 872 14.16 11.33 12.14
CA GLN A 872 13.54 12.37 11.33
C GLN A 872 12.89 13.48 12.17
N ALA A 873 11.86 13.13 12.94
CA ALA A 873 11.09 14.09 13.73
C ALA A 873 11.93 15.16 14.46
N PRO A 874 12.93 14.75 15.26
CA PRO A 874 13.87 15.70 15.87
C PRO A 874 14.39 16.79 14.93
N SER A 875 14.96 16.41 13.79
CA SER A 875 15.52 17.37 12.83
C SER A 875 14.47 18.29 12.20
N LEU A 876 13.26 17.77 11.99
CA LEU A 876 12.17 18.53 11.38
C LEU A 876 11.66 19.63 12.31
N TYR A 877 11.52 19.29 13.60
CA TYR A 877 11.08 20.25 14.61
C TYR A 877 12.19 21.24 14.97
N ALA A 878 13.45 20.87 14.71
CA ALA A 878 14.60 21.71 15.06
C ALA A 878 14.69 22.92 14.15
N ILE A 879 14.52 22.71 12.85
CA ILE A 879 14.50 23.81 11.88
C ILE A 879 13.16 24.56 11.95
N SER A 880 12.13 23.91 12.49
CA SER A 880 10.84 24.57 12.71
C SER A 880 10.92 25.64 13.79
N LEU A 881 11.89 25.50 14.70
CA LEU A 881 12.15 26.51 15.73
C LEU A 881 13.09 27.62 15.24
N ILE A 882 13.98 27.28 14.31
CA ILE A 882 14.96 28.23 13.78
C ILE A 882 14.32 29.20 12.77
N VAL A 883 13.28 28.75 12.07
CA VAL A 883 12.58 29.57 11.09
C VAL A 883 11.44 30.35 11.76
N VAL A 884 10.83 29.79 12.80
CA VAL A 884 9.80 30.48 13.58
C VAL A 884 10.39 31.70 14.29
N PHE A 885 11.61 31.54 14.80
CA PHE A 885 12.31 32.61 15.52
C PHE A 885 12.67 33.77 14.59
N LEU A 886 13.11 33.45 13.37
CA LEU A 886 13.57 34.45 12.41
C LEU A 886 12.40 35.24 11.79
N CYS A 887 11.29 34.55 11.53
CA CYS A 887 10.10 35.16 10.95
C CYS A 887 9.37 36.05 11.97
N LEU A 888 9.46 35.70 13.24
CA LEU A 888 9.00 36.56 14.34
C LEU A 888 10.16 37.46 14.72
N ALA A 889 10.31 38.54 13.95
CA ALA A 889 11.46 39.45 14.03
C ALA A 889 11.55 40.29 12.75
N ALA A 890 11.20 39.67 11.62
CA ALA A 890 11.09 40.38 10.34
C ALA A 890 9.96 41.43 10.36
N LEU A 891 8.95 41.21 11.19
CA LEU A 891 7.80 42.11 11.30
C LEU A 891 7.63 42.69 12.72
N TYR A 892 8.68 42.63 13.54
CA TYR A 892 8.56 43.01 14.96
C TYR A 892 9.74 43.85 15.48
N GLU A 893 10.95 43.35 15.28
CA GLU A 893 12.18 44.05 15.68
C GLU A 893 12.33 44.16 17.21
N SER A 894 12.90 43.12 17.81
CA SER A 894 13.10 43.07 19.26
C SER A 894 14.05 41.91 19.65
N TRP A 895 14.05 41.57 20.94
CA TRP A 895 14.64 40.31 21.43
C TRP A 895 13.84 39.89 22.67
N SER A 896 12.53 39.78 22.48
CA SER A 896 11.59 39.52 23.59
C SER A 896 10.21 39.11 23.09
N ILE A 897 9.71 39.80 22.07
CA ILE A 897 8.43 39.49 21.43
C ILE A 897 8.35 38.04 20.91
N PRO A 898 9.39 37.53 20.24
CA PRO A 898 9.34 36.19 19.66
C PRO A 898 9.35 35.07 20.70
N PHE A 899 9.91 35.34 21.87
CA PHE A 899 9.97 34.35 22.94
C PHE A 899 8.59 34.08 23.55
N SER A 900 7.70 35.07 23.48
CA SER A 900 6.32 34.90 23.93
C SER A 900 5.59 33.82 23.13
N VAL A 901 5.78 33.83 21.80
CA VAL A 901 5.18 32.85 20.92
C VAL A 901 5.92 31.50 20.97
N MET A 902 7.17 31.53 21.41
CA MET A 902 8.01 30.32 21.47
C MET A 902 7.79 29.49 22.75
N LEU A 903 6.86 29.90 23.61
CA LEU A 903 6.40 29.05 24.71
C LEU A 903 4.87 29.03 24.84
N VAL A 904 4.18 29.19 23.71
CA VAL A 904 2.78 28.74 23.60
C VAL A 904 2.77 27.37 22.91
N VAL A 905 3.96 26.92 22.50
CA VAL A 905 4.13 25.58 21.95
C VAL A 905 3.68 24.51 22.94
N PRO A 906 4.15 24.56 24.19
CA PRO A 906 3.75 23.58 25.21
C PRO A 906 2.35 23.84 25.80
N LEU A 907 1.78 25.02 25.60
CA LEU A 907 0.45 25.35 26.11
C LEU A 907 -0.62 24.49 25.43
N GLY A 908 -0.65 24.53 24.10
CA GLY A 908 -1.60 23.76 23.33
C GLY A 908 -1.24 22.29 23.18
N VAL A 909 0.04 21.97 23.30
CA VAL A 909 0.53 20.60 23.09
C VAL A 909 0.10 19.64 24.19
N ILE A 910 0.09 20.12 25.45
CA ILE A 910 -0.32 19.29 26.58
C ILE A 910 -1.77 18.79 26.45
N GLY A 911 -2.62 19.59 25.80
CA GLY A 911 -4.00 19.21 25.54
C GLY A 911 -4.16 18.14 24.48
N ALA A 912 -3.32 18.21 23.45
CA ALA A 912 -3.32 17.20 22.39
C ALA A 912 -2.83 15.84 22.92
N LEU A 913 -1.83 15.87 23.80
CA LEU A 913 -1.30 14.66 24.43
C LEU A 913 -2.30 14.06 25.42
N LEU A 914 -3.18 14.89 25.97
CA LEU A 914 -4.16 14.44 26.96
C LEU A 914 -5.32 13.67 26.32
N ALA A 915 -5.75 14.10 25.15
CA ALA A 915 -6.87 13.47 24.45
C ALA A 915 -6.48 12.13 23.81
N ALA A 916 -5.24 12.04 23.33
CA ALA A 916 -4.76 10.83 22.68
C ALA A 916 -4.42 9.73 23.68
N THR A 917 -3.80 10.11 24.80
CA THR A 917 -3.39 9.17 25.84
C THR A 917 -4.57 8.69 26.69
N PHE A 918 -5.62 9.50 26.76
CA PHE A 918 -6.82 9.17 27.54
C PHE A 918 -7.62 8.08 26.84
N ARG A 919 -7.88 8.28 25.56
CA ARG A 919 -8.56 7.28 24.73
C ARG A 919 -7.53 6.27 24.22
N GLY A 920 -7.97 5.37 23.34
CA GLY A 920 -7.09 4.34 22.78
C GLY A 920 -6.33 4.76 21.54
N LEU A 921 -5.99 6.04 21.43
CA LEU A 921 -5.21 6.54 20.30
C LEU A 921 -3.72 6.53 20.62
N THR A 922 -2.90 6.78 19.60
CA THR A 922 -1.44 6.76 19.76
C THR A 922 -0.76 7.77 18.82
N ASN A 923 0.50 8.09 19.13
CA ASN A 923 1.29 9.02 18.32
C ASN A 923 1.63 8.42 16.94
N ASP A 924 0.79 8.73 15.96
CA ASP A 924 0.97 8.27 14.58
C ASP A 924 1.16 9.48 13.67
N VAL A 925 0.85 9.34 12.38
CA VAL A 925 1.04 10.43 11.41
C VAL A 925 -0.03 11.50 11.58
N TYR A 926 -1.29 11.07 11.69
CA TYR A 926 -2.41 11.99 11.83
C TYR A 926 -2.36 12.84 13.12
N PHE A 927 -1.71 12.32 14.15
CA PHE A 927 -1.55 13.03 15.42
C PHE A 927 -0.39 14.02 15.38
N GLN A 928 0.68 13.65 14.70
CA GLN A 928 1.91 14.47 14.64
C GLN A 928 1.72 15.72 13.78
N VAL A 929 0.80 15.65 12.82
CA VAL A 929 0.47 16.80 11.98
C VAL A 929 -0.66 17.63 12.62
N GLY A 930 -1.41 16.99 13.52
CA GLY A 930 -2.35 17.72 14.37
C GLY A 930 -1.62 18.57 15.41
N LEU A 931 -0.37 18.23 15.71
CA LEU A 931 0.46 19.01 16.61
C LEU A 931 0.92 20.29 15.94
N LEU A 932 1.48 20.17 14.74
CA LEU A 932 2.00 21.33 14.01
C LEU A 932 0.91 22.32 13.63
N THR A 933 -0.32 21.82 13.47
CA THR A 933 -1.48 22.68 13.22
C THR A 933 -1.86 23.48 14.46
N THR A 934 -1.71 22.86 15.63
CA THR A 934 -1.99 23.53 16.91
C THR A 934 -0.87 24.52 17.31
N ILE A 935 0.30 24.38 16.70
CA ILE A 935 1.38 25.36 16.87
C ILE A 935 1.10 26.58 16.00
N GLY A 936 0.40 26.37 14.89
CA GLY A 936 -0.04 27.45 14.02
C GLY A 936 -1.27 28.17 14.53
N LEU A 937 -2.06 27.50 15.37
CA LEU A 937 -3.26 28.08 15.96
C LEU A 937 -2.93 28.79 17.27
N SER A 938 -1.90 28.30 17.96
CA SER A 938 -1.41 28.92 19.19
C SER A 938 -0.50 30.10 18.87
N ALA A 939 0.16 30.03 17.72
CA ALA A 939 0.96 31.14 17.21
C ALA A 939 0.04 32.27 16.77
N LYS A 940 -1.07 31.92 16.13
CA LYS A 940 -2.04 32.90 15.66
C LYS A 940 -2.58 33.73 16.82
N ASN A 941 -3.30 33.09 17.74
CA ASN A 941 -3.90 33.76 18.89
C ASN A 941 -2.91 34.60 19.71
N ALA A 942 -1.69 34.08 19.89
CA ALA A 942 -0.67 34.75 20.70
C ALA A 942 -0.05 35.94 19.98
N ILE A 943 0.04 35.86 18.64
CA ILE A 943 0.53 36.97 17.82
C ILE A 943 -0.47 38.13 17.80
N LEU A 944 -1.75 37.83 18.00
CA LEU A 944 -2.76 38.89 18.11
C LEU A 944 -2.61 39.59 19.47
N ILE A 945 -2.23 38.81 20.48
CA ILE A 945 -1.98 39.33 21.83
C ILE A 945 -0.69 40.15 21.87
N VAL A 946 0.21 39.93 20.90
CA VAL A 946 1.50 40.61 20.84
C VAL A 946 1.51 41.76 19.82
N GLU A 947 0.63 41.71 18.82
CA GLU A 947 0.64 42.70 17.73
C GLU A 947 -0.19 43.91 18.10
N PHE A 948 -1.42 43.69 18.53
CA PHE A 948 -2.32 44.77 18.95
C PHE A 948 -1.80 45.45 20.23
N ALA A 949 -1.18 44.66 21.11
CA ALA A 949 -0.67 45.17 22.38
C ALA A 949 0.60 46.02 22.22
N LYS A 950 1.37 45.76 21.16
CA LYS A 950 2.54 46.58 20.82
C LYS A 950 2.20 47.64 19.77
N ASP A 951 0.98 47.58 19.23
CA ASP A 951 0.44 48.65 18.41
C ASP A 951 -0.13 49.75 19.31
N LEU A 952 -0.37 49.41 20.58
CA LEU A 952 -0.79 50.38 21.58
C LEU A 952 0.41 50.93 22.35
N MET A 953 1.37 50.06 22.66
CA MET A 953 2.55 50.44 23.43
C MET A 953 3.35 51.53 22.72
N ASP A 954 3.70 51.28 21.46
CA ASP A 954 4.47 52.24 20.67
C ASP A 954 3.58 53.37 20.14
N LYS A 955 2.83 53.06 19.06
CA LYS A 955 1.96 54.05 18.40
C LYS A 955 1.17 54.92 19.37
N GLU A 956 0.40 54.29 20.25
CA GLU A 956 -0.43 55.01 21.22
C GLU A 956 0.33 55.26 22.54
N GLY A 957 -0.11 54.68 23.65
CA GLY A 957 0.50 54.91 24.95
C GLY A 957 1.16 53.66 25.52
N LYS A 958 2.26 53.85 26.26
CA LYS A 958 3.07 52.74 26.77
C LYS A 958 2.26 51.62 27.42
N GLY A 959 1.67 51.89 28.58
CA GLY A 959 0.95 50.88 29.35
C GLY A 959 1.86 49.72 29.73
N LEU A 960 2.66 49.93 30.78
CA LEU A 960 3.61 48.90 31.24
C LEU A 960 2.93 47.55 31.40
N ILE A 961 1.82 47.53 32.14
CA ILE A 961 0.94 46.37 32.20
C ILE A 961 -0.49 46.69 31.73
N GLU A 962 -0.76 47.96 31.43
CA GLU A 962 -2.09 48.42 31.07
C GLU A 962 -2.24 48.65 29.56
N ALA A 963 -1.38 48.02 28.77
CA ALA A 963 -1.52 47.98 27.31
C ALA A 963 -1.76 46.54 26.84
N THR A 964 -1.12 45.58 27.49
CA THR A 964 -1.39 44.16 27.27
C THR A 964 -2.80 43.81 27.78
N LEU A 965 -3.17 44.43 28.90
CA LEU A 965 -4.51 44.25 29.48
C LEU A 965 -5.57 44.99 28.66
N ASP A 966 -5.21 46.17 28.16
CA ASP A 966 -6.10 46.97 27.31
C ASP A 966 -6.26 46.37 25.91
N ALA A 967 -5.34 45.48 25.53
CA ALA A 967 -5.37 44.86 24.21
C ALA A 967 -6.40 43.74 24.12
N VAL A 968 -6.44 42.87 25.14
CA VAL A 968 -7.46 41.82 25.22
C VAL A 968 -8.82 42.37 25.61
N ARG A 969 -8.84 43.58 26.16
CA ARG A 969 -10.09 44.30 26.42
C ARG A 969 -10.83 44.54 25.10
N MET A 970 -10.07 44.66 24.01
CA MET A 970 -10.63 44.77 22.66
C MET A 970 -10.19 43.63 21.73
N ARG A 971 -10.27 42.40 22.24
CA ARG A 971 -10.26 41.17 21.40
C ARG A 971 -10.28 39.86 22.21
N LEU A 972 -11.21 39.77 23.16
CA LEU A 972 -11.61 38.47 23.72
C LEU A 972 -12.57 37.82 22.72
N ARG A 973 -13.22 38.66 21.91
CA ARG A 973 -14.20 38.22 20.92
C ARG A 973 -13.64 37.24 19.85
N PRO A 974 -12.59 37.61 19.11
CA PRO A 974 -12.08 36.75 18.03
C PRO A 974 -11.30 35.53 18.49
N ILE A 975 -10.81 35.53 19.73
CA ILE A 975 -10.10 34.37 20.28
C ILE A 975 -11.07 33.25 20.59
N LEU A 976 -12.28 33.60 21.01
CA LEU A 976 -13.34 32.63 21.33
C LEU A 976 -14.32 32.43 20.17
N MET A 977 -14.14 33.19 19.08
CA MET A 977 -14.96 33.06 17.88
C MET A 977 -14.35 32.01 16.95
N THR A 978 -13.02 32.04 16.83
CA THR A 978 -12.28 31.06 16.07
C THR A 978 -12.25 29.72 16.80
N SER A 979 -11.86 29.76 18.07
CA SER A 979 -11.67 28.55 18.88
C SER A 979 -12.93 27.71 19.01
N LEU A 980 -14.07 28.38 19.21
CA LEU A 980 -15.35 27.69 19.36
C LEU A 980 -15.85 27.16 18.02
N ALA A 981 -15.65 27.93 16.95
CA ALA A 981 -16.09 27.55 15.61
C ALA A 981 -15.21 26.45 15.01
N PHE A 982 -13.95 26.37 15.45
CA PHE A 982 -13.01 25.36 14.97
C PHE A 982 -13.34 24.00 15.56
N ILE A 983 -13.56 23.98 16.87
CA ILE A 983 -13.84 22.74 17.60
C ILE A 983 -15.13 22.08 17.11
N LEU A 984 -16.13 22.90 16.76
CA LEU A 984 -17.40 22.40 16.23
C LEU A 984 -17.26 21.83 14.81
N GLY A 985 -16.37 22.42 14.02
CA GLY A 985 -16.09 21.94 12.68
C GLY A 985 -15.26 20.66 12.66
N VAL A 986 -14.55 20.39 13.75
CA VAL A 986 -13.75 19.17 13.92
C VAL A 986 -14.58 18.10 14.64
N MET A 987 -15.76 18.47 15.14
CA MET A 987 -16.64 17.58 15.89
C MET A 987 -17.06 16.30 15.12
N PRO A 988 -17.38 16.41 13.83
CA PRO A 988 -17.72 15.23 13.03
C PRO A 988 -16.63 14.15 12.98
N LEU A 989 -15.37 14.55 13.14
CA LEU A 989 -14.24 13.62 13.07
C LEU A 989 -13.96 12.94 14.41
N VAL A 990 -14.04 13.71 15.49
CA VAL A 990 -13.63 13.22 16.83
C VAL A 990 -14.41 11.96 17.21
N ILE A 991 -15.72 11.99 16.99
CA ILE A 991 -16.55 10.79 17.08
C ILE A 991 -17.51 10.75 15.87
N SER A 992 -18.82 10.87 16.08
CA SER A 992 -19.82 10.84 15.00
C SER A 992 -19.59 9.73 13.96
N THR A 993 -18.73 9.95 12.98
CA THR A 993 -18.34 8.93 12.01
C THR A 993 -17.46 7.88 12.69
N GLY A 994 -17.97 6.64 12.73
CA GLY A 994 -17.27 5.56 13.42
C GLY A 994 -17.18 4.27 12.63
N ALA A 995 -16.96 4.38 11.32
CA ALA A 995 -16.84 3.21 10.44
C ALA A 995 -16.30 3.56 9.05
N GLY A 996 -16.91 4.58 8.42
CA GLY A 996 -16.52 5.02 7.09
C GLY A 996 -15.03 5.27 6.96
N SER A 997 -14.46 5.95 7.95
CA SER A 997 -13.02 6.13 8.03
C SER A 997 -12.59 6.36 9.49
N GLY A 998 -11.83 5.42 10.03
CA GLY A 998 -11.32 5.52 11.39
C GLY A 998 -10.18 6.53 11.52
N ALA A 999 -9.65 6.98 10.39
CA ALA A 999 -8.57 7.97 10.38
C ALA A 999 -9.08 9.36 10.79
N GLN A 1000 -10.38 9.61 10.58
CA GLN A 1000 -11.00 10.86 11.02
C GLN A 1000 -10.87 11.05 12.53
N ASN A 1001 -10.99 9.95 13.28
CA ASN A 1001 -10.84 9.99 14.74
C ASN A 1001 -9.40 10.30 15.18
N ALA A 1002 -8.43 9.89 14.36
CA ALA A 1002 -7.02 10.15 14.65
C ALA A 1002 -6.64 11.63 14.50
N VAL A 1003 -7.28 12.33 13.56
CA VAL A 1003 -6.97 13.74 13.31
C VAL A 1003 -7.65 14.63 14.34
N GLY A 1004 -8.97 14.51 14.44
CA GLY A 1004 -9.78 15.38 15.28
C GLY A 1004 -9.59 15.25 16.78
N THR A 1005 -9.02 14.14 17.24
CA THR A 1005 -8.72 13.94 18.65
C THR A 1005 -7.49 14.75 19.06
N GLY A 1006 -6.51 14.84 18.17
CA GLY A 1006 -5.26 15.54 18.43
C GLY A 1006 -5.32 17.07 18.34
N VAL A 1007 -6.43 17.61 17.85
CA VAL A 1007 -6.59 19.07 17.73
C VAL A 1007 -7.72 19.62 18.61
N MET A 1008 -8.79 18.84 18.79
CA MET A 1008 -9.90 19.23 19.67
C MET A 1008 -9.45 19.31 21.13
N GLY A 1009 -8.63 18.33 21.54
CA GLY A 1009 -8.03 18.34 22.86
C GLY A 1009 -7.00 19.45 23.01
N GLY A 1010 -6.25 19.70 21.93
CA GLY A 1010 -5.23 20.72 21.91
C GLY A 1010 -5.73 22.15 21.83
N MET A 1011 -6.98 22.34 21.42
CA MET A 1011 -7.54 23.69 21.24
C MET A 1011 -8.26 24.17 22.50
N VAL A 1012 -8.84 23.24 23.24
CA VAL A 1012 -9.38 23.53 24.58
C VAL A 1012 -8.25 24.01 25.48
N THR A 1013 -7.04 23.48 25.28
CA THR A 1013 -5.88 23.80 26.09
C THR A 1013 -5.00 24.91 25.48
N ALA A 1014 -5.28 25.27 24.23
CA ALA A 1014 -4.57 26.37 23.56
C ALA A 1014 -5.37 27.67 23.59
N THR A 1015 -6.49 27.69 24.30
CA THR A 1015 -7.32 28.89 24.44
C THR A 1015 -7.82 29.11 25.86
N VAL A 1016 -8.38 28.08 26.48
CA VAL A 1016 -8.72 28.13 27.91
C VAL A 1016 -7.44 27.81 28.70
N LEU A 1017 -6.49 28.73 28.63
CA LEU A 1017 -5.11 28.55 29.09
C LEU A 1017 -4.25 29.66 28.49
N ALA A 1018 -4.35 29.83 27.17
CA ALA A 1018 -3.62 30.88 26.45
C ALA A 1018 -4.21 32.26 26.77
N ILE A 1019 -5.52 32.40 26.55
CA ILE A 1019 -6.24 33.64 26.85
C ILE A 1019 -6.41 33.89 28.37
N PHE A 1020 -5.71 33.10 29.20
CA PHE A 1020 -5.89 33.12 30.64
C PHE A 1020 -4.65 32.62 31.39
N PHE A 1021 -4.82 32.31 32.67
CA PHE A 1021 -3.85 31.55 33.50
C PHE A 1021 -2.37 31.66 33.10
N VAL A 1022 -1.95 30.86 32.12
CA VAL A 1022 -0.55 30.62 31.81
C VAL A 1022 -0.19 31.31 30.48
N PRO A 1023 1.07 31.72 30.30
CA PRO A 1023 1.49 32.75 29.34
C PRO A 1023 0.45 33.47 28.45
N VAL A 1024 0.90 33.95 27.29
CA VAL A 1024 0.11 34.84 26.42
C VAL A 1024 -0.49 36.01 27.22
N PHE A 1025 0.39 36.72 27.93
CA PHE A 1025 0.07 37.83 28.84
C PHE A 1025 1.24 37.92 29.80
N PHE A 1026 1.48 36.82 30.51
CA PHE A 1026 2.59 36.68 31.44
C PHE A 1026 3.94 36.80 30.73
N VAL A 1027 4.03 36.20 29.54
CA VAL A 1027 5.26 36.24 28.75
C VAL A 1027 5.69 37.69 28.46
N VAL A 1028 4.82 38.45 27.81
CA VAL A 1028 5.19 39.81 27.37
C VAL A 1028 5.70 40.68 28.53
N VAL A 1029 5.26 40.36 29.75
CA VAL A 1029 5.71 41.07 30.95
C VAL A 1029 7.19 40.84 31.23
N ARG A 1030 7.58 39.59 31.47
CA ARG A 1030 8.96 39.28 31.88
C ARG A 1030 10.00 39.29 30.74
N ARG A 1031 9.54 39.27 29.49
CA ARG A 1031 10.44 39.16 28.34
C ARG A 1031 10.83 40.55 27.85
N ARG A 1032 9.84 41.38 27.54
CA ARG A 1032 10.09 42.75 27.08
C ARG A 1032 10.46 43.65 28.27
N PHE A 1033 9.59 43.70 29.27
CA PHE A 1033 9.86 44.50 30.47
C PHE A 1033 10.74 43.71 31.44
N SER A 1034 11.03 44.31 32.59
CA SER A 1034 11.83 43.68 33.66
C SER A 1034 13.35 43.87 33.51
N ARG A 1035 13.83 44.07 32.28
CA ARG A 1035 15.24 44.38 32.03
C ARG A 1035 15.41 45.29 30.81
N LYS A 1036 15.16 44.75 29.61
CA LYS A 1036 15.30 45.52 28.38
C LYS A 1036 14.37 45.01 27.27
#